data_2YSP
#
_entry.id   2YSP
#
loop_
_entity.id
_entity.type
_entity.pdbx_description
1 polymer 'Zinc finger protein 224'
2 non-polymer 'ZINC ION'
#
_entity_poly.entity_id   1
_entity_poly.type   'polypeptide(L)'
_entity_poly.pdbx_seq_one_letter_code
;GSSGSSGTGEKPYKCEKCGKGYNSKFNLDMHQKVHTGERPSGPSSG
;
_entity_poly.pdbx_strand_id   A
#
loop_
_chem_comp.id
_chem_comp.type
_chem_comp.name
_chem_comp.formula
ZN non-polymer 'ZINC ION' 'Zn 2'
#
# COMPACT_ATOMS: atom_id res chain seq x y z
N GLY A 1 -8.69 28.26 -9.31
CA GLY A 1 -9.57 27.14 -9.62
C GLY A 1 -9.35 25.97 -8.69
N SER A 2 -8.31 25.19 -8.95
CA SER A 2 -8.00 24.02 -8.13
C SER A 2 -6.52 23.99 -7.76
N SER A 3 -6.23 23.46 -6.58
CA SER A 3 -4.85 23.38 -6.11
C SER A 3 -4.72 22.34 -4.99
N GLY A 4 -3.53 21.77 -4.86
CA GLY A 4 -3.30 20.76 -3.84
C GLY A 4 -1.82 20.50 -3.60
N SER A 5 -1.52 19.40 -2.92
CA SER A 5 -0.13 19.05 -2.63
C SER A 5 0.51 18.34 -3.81
N SER A 6 1.70 18.79 -4.21
CA SER A 6 2.42 18.20 -5.33
C SER A 6 3.05 16.88 -4.93
N GLY A 7 3.83 16.90 -3.86
CA GLY A 7 4.50 15.70 -3.40
C GLY A 7 6.00 15.84 -3.36
N THR A 8 6.49 16.71 -2.50
CA THR A 8 7.93 16.94 -2.37
C THR A 8 8.70 15.63 -2.37
N GLY A 9 8.28 14.70 -1.52
CA GLY A 9 8.95 13.41 -1.43
C GLY A 9 8.73 12.58 -2.69
N GLU A 10 9.44 11.46 -2.77
CA GLU A 10 9.33 10.57 -3.93
C GLU A 10 8.82 9.20 -3.51
N LYS A 11 7.70 8.78 -4.10
CA LYS A 11 7.11 7.48 -3.80
C LYS A 11 7.26 6.52 -4.97
N PRO A 12 8.44 5.91 -5.09
CA PRO A 12 8.74 4.96 -6.17
C PRO A 12 7.97 3.65 -6.01
N TYR A 13 7.29 3.50 -4.87
CA TYR A 13 6.53 2.30 -4.59
C TYR A 13 5.13 2.65 -4.07
N LYS A 14 4.12 2.29 -4.84
CA LYS A 14 2.74 2.57 -4.46
C LYS A 14 1.95 1.28 -4.28
N CYS A 15 0.92 1.32 -3.45
CA CYS A 15 0.08 0.15 -3.20
C CYS A 15 -1.34 0.38 -3.69
N GLU A 16 -1.58 0.13 -4.96
CA GLU A 16 -2.89 0.32 -5.56
C GLU A 16 -3.96 -0.36 -4.71
N LYS A 17 -3.60 -1.48 -4.10
CA LYS A 17 -4.54 -2.22 -3.25
C LYS A 17 -5.31 -1.28 -2.33
N CYS A 18 -4.58 -0.39 -1.66
CA CYS A 18 -5.20 0.57 -0.75
C CYS A 18 -5.05 2.00 -1.28
N GLY A 19 -3.83 2.36 -1.64
CA GLY A 19 -3.58 3.70 -2.16
C GLY A 19 -2.61 4.49 -1.30
N LYS A 20 -1.58 3.80 -0.81
CA LYS A 20 -0.57 4.44 0.02
C LYS A 20 0.81 4.32 -0.60
N GLY A 21 1.64 5.35 -0.44
CA GLY A 21 2.98 5.33 -0.99
C GLY A 21 4.00 4.78 -0.02
N TYR A 22 5.13 4.34 -0.54
CA TYR A 22 6.19 3.78 0.29
C TYR A 22 7.57 4.08 -0.31
N ASN A 23 8.42 4.73 0.47
CA ASN A 23 9.77 5.07 0.02
C ASN A 23 10.76 4.00 0.43
N SER A 24 10.36 2.73 0.32
CA SER A 24 11.21 1.62 0.69
C SER A 24 10.72 0.32 0.05
N LYS A 25 11.52 -0.23 -0.84
CA LYS A 25 11.17 -1.47 -1.53
C LYS A 25 10.96 -2.61 -0.52
N PHE A 26 11.52 -2.45 0.67
CA PHE A 26 11.41 -3.46 1.71
C PHE A 26 10.12 -3.26 2.51
N ASN A 27 9.87 -2.03 2.94
CA ASN A 27 8.67 -1.72 3.71
C ASN A 27 7.41 -2.16 2.96
N LEU A 28 7.36 -1.84 1.67
CA LEU A 28 6.21 -2.20 0.85
C LEU A 28 5.97 -3.72 0.88
N ASP A 29 7.05 -4.48 0.92
CA ASP A 29 6.96 -5.94 0.96
C ASP A 29 6.08 -6.39 2.11
N MET A 30 6.50 -6.09 3.33
CA MET A 30 5.74 -6.47 4.52
C MET A 30 4.29 -6.02 4.41
N HIS A 31 4.08 -4.85 3.80
CA HIS A 31 2.74 -4.31 3.63
C HIS A 31 1.95 -5.13 2.61
N GLN A 32 2.62 -5.57 1.56
CA GLN A 32 1.99 -6.37 0.52
C GLN A 32 1.32 -7.60 1.11
N LYS A 33 1.84 -8.07 2.23
CA LYS A 33 1.29 -9.24 2.91
C LYS A 33 0.11 -8.86 3.79
N VAL A 34 -0.69 -7.91 3.33
CA VAL A 34 -1.85 -7.46 4.07
C VAL A 34 -3.13 -7.61 3.25
N HIS A 35 -3.02 -7.36 1.94
CA HIS A 35 -4.16 -7.47 1.04
C HIS A 35 -4.25 -8.88 0.44
N THR A 36 -3.83 -9.87 1.23
CA THR A 36 -3.87 -11.25 0.77
C THR A 36 -5.29 -11.79 0.73
N GLY A 37 -6.03 -11.57 1.81
CA GLY A 37 -7.41 -12.05 1.88
C GLY A 37 -8.13 -11.91 0.55
N GLU A 38 -8.88 -12.94 0.18
CA GLU A 38 -9.62 -12.94 -1.07
C GLU A 38 -10.92 -12.16 -0.93
N ARG A 39 -10.84 -10.84 -1.04
CA ARG A 39 -12.01 -9.99 -0.92
C ARG A 39 -13.14 -10.48 -1.83
N PRO A 40 -14.36 -10.06 -1.52
CA PRO A 40 -15.55 -10.44 -2.30
C PRO A 40 -15.58 -9.80 -3.68
N SER A 41 -14.60 -8.93 -3.94
CA SER A 41 -14.51 -8.25 -5.22
C SER A 41 -13.59 -9.00 -6.18
N GLY A 42 -13.91 -8.95 -7.47
CA GLY A 42 -13.10 -9.64 -8.46
C GLY A 42 -11.73 -9.02 -8.61
N PRO A 43 -10.73 -9.87 -8.90
CA PRO A 43 -9.34 -9.42 -9.07
C PRO A 43 -9.15 -8.62 -10.36
N SER A 44 -7.90 -8.35 -10.70
CA SER A 44 -7.59 -7.58 -11.90
C SER A 44 -6.48 -8.26 -12.71
N SER A 45 -5.54 -8.89 -12.00
CA SER A 45 -4.44 -9.58 -12.65
C SER A 45 -3.97 -10.76 -11.82
N GLY A 46 -3.92 -11.94 -12.44
CA GLY A 46 -3.48 -13.14 -11.75
C GLY A 46 -2.64 -14.05 -12.62
ZN ZN B . -1.68 -1.54 0.68
N GLY A 1 -18.64 16.27 -4.80
CA GLY A 1 -17.41 17.01 -5.02
C GLY A 1 -16.53 17.04 -3.79
N SER A 2 -15.39 16.37 -3.88
CA SER A 2 -14.44 16.31 -2.77
C SER A 2 -13.09 15.76 -3.22
N SER A 3 -12.04 16.13 -2.50
CA SER A 3 -10.70 15.67 -2.83
C SER A 3 -9.96 15.18 -1.59
N GLY A 4 -8.82 14.54 -1.79
CA GLY A 4 -8.04 14.03 -0.67
C GLY A 4 -6.86 13.19 -1.11
N SER A 5 -5.67 13.80 -1.14
CA SER A 5 -4.47 13.11 -1.56
C SER A 5 -3.85 12.34 -0.39
N SER A 6 -3.07 11.32 -0.71
CA SER A 6 -2.43 10.49 0.31
C SER A 6 -0.94 10.82 0.41
N GLY A 7 -0.61 11.74 1.31
CA GLY A 7 0.78 12.13 1.49
C GLY A 7 1.38 12.75 0.25
N THR A 8 1.60 14.05 0.29
CA THR A 8 2.18 14.77 -0.85
C THR A 8 3.65 14.42 -1.03
N GLY A 9 4.16 14.67 -2.23
CA GLY A 9 5.56 14.38 -2.51
C GLY A 9 5.72 13.39 -3.65
N GLU A 10 6.89 12.74 -3.71
CA GLU A 10 7.17 11.77 -4.76
C GLU A 10 7.73 10.48 -4.16
N LYS A 11 7.08 9.37 -4.47
CA LYS A 11 7.51 8.07 -3.98
C LYS A 11 7.82 7.11 -5.13
N PRO A 12 8.84 6.27 -4.94
CA PRO A 12 9.27 5.30 -5.95
C PRO A 12 8.25 4.18 -6.14
N TYR A 13 7.67 3.73 -5.03
CA TYR A 13 6.69 2.65 -5.08
C TYR A 13 5.30 3.18 -4.74
N LYS A 14 4.31 2.29 -4.79
CA LYS A 14 2.93 2.66 -4.49
C LYS A 14 2.03 1.43 -4.45
N CYS A 15 1.36 1.23 -3.32
CA CYS A 15 0.46 0.09 -3.15
C CYS A 15 -0.76 0.23 -4.06
N GLU A 16 -0.83 -0.63 -5.07
CA GLU A 16 -1.95 -0.61 -6.01
C GLU A 16 -3.14 -1.40 -5.45
N LYS A 17 -3.32 -1.33 -4.14
CA LYS A 17 -4.42 -2.04 -3.49
C LYS A 17 -5.23 -1.10 -2.61
N CYS A 18 -4.54 -0.21 -1.91
CA CYS A 18 -5.19 0.75 -1.03
C CYS A 18 -4.86 2.18 -1.44
N GLY A 19 -3.58 2.45 -1.68
CA GLY A 19 -3.15 3.77 -2.08
C GLY A 19 -2.19 4.39 -1.10
N LYS A 20 -1.23 3.61 -0.63
CA LYS A 20 -0.24 4.09 0.33
C LYS A 20 1.09 4.38 -0.37
N GLY A 21 2.02 4.96 0.39
CA GLY A 21 3.32 5.30 -0.17
C GLY A 21 4.47 4.79 0.69
N TYR A 22 5.42 4.12 0.06
CA TYR A 22 6.57 3.59 0.78
C TYR A 22 7.86 3.78 -0.04
N ASN A 23 8.85 4.42 0.59
CA ASN A 23 10.12 4.66 -0.08
C ASN A 23 10.96 3.39 -0.14
N SER A 24 10.95 2.63 0.95
CA SER A 24 11.71 1.38 1.01
C SER A 24 10.88 0.21 0.49
N LYS A 25 11.42 -0.48 -0.50
CA LYS A 25 10.74 -1.63 -1.09
C LYS A 25 10.39 -2.66 -0.03
N PHE A 26 11.26 -2.80 0.97
CA PHE A 26 11.05 -3.75 2.05
C PHE A 26 9.72 -3.49 2.74
N ASN A 27 9.42 -2.22 2.99
CA ASN A 27 8.18 -1.83 3.65
C ASN A 27 6.97 -2.32 2.86
N LEU A 28 6.94 -1.99 1.57
CA LEU A 28 5.84 -2.39 0.70
C LEU A 28 5.77 -3.91 0.58
N ASP A 29 6.83 -4.51 0.04
CA ASP A 29 6.88 -5.95 -0.12
C ASP A 29 6.20 -6.67 1.03
N MET A 30 6.40 -6.16 2.25
CA MET A 30 5.80 -6.74 3.43
C MET A 30 4.34 -6.31 3.57
N HIS A 31 4.11 -5.01 3.59
CA HIS A 31 2.75 -4.47 3.72
C HIS A 31 1.79 -5.21 2.79
N GLN A 32 2.34 -5.83 1.75
CA GLN A 32 1.52 -6.57 0.79
C GLN A 32 0.70 -7.65 1.49
N LYS A 33 1.33 -8.34 2.43
CA LYS A 33 0.66 -9.40 3.17
C LYS A 33 -0.56 -8.87 3.90
N VAL A 34 -0.64 -7.55 4.04
CA VAL A 34 -1.76 -6.91 4.71
C VAL A 34 -3.07 -7.20 3.99
N HIS A 35 -3.04 -7.10 2.67
CA HIS A 35 -4.23 -7.35 1.87
C HIS A 35 -4.33 -8.83 1.48
N THR A 36 -4.82 -9.64 2.42
CA THR A 36 -4.96 -11.08 2.17
C THR A 36 -6.31 -11.58 2.68
N GLY A 37 -7.15 -12.02 1.74
CA GLY A 37 -8.46 -12.53 2.12
C GLY A 37 -8.42 -14.00 2.53
N GLU A 38 -7.81 -14.83 1.69
CA GLU A 38 -7.71 -16.25 1.97
C GLU A 38 -6.29 -16.76 1.72
N ARG A 39 -5.61 -17.14 2.79
CA ARG A 39 -4.24 -17.63 2.68
C ARG A 39 -4.09 -18.98 3.40
N PRO A 40 -4.53 -20.05 2.72
CA PRO A 40 -4.46 -21.41 3.27
C PRO A 40 -3.02 -21.92 3.37
N SER A 41 -2.66 -22.42 4.55
CA SER A 41 -1.31 -22.94 4.77
C SER A 41 -1.36 -24.34 5.35
N GLY A 42 -2.30 -24.57 6.26
CA GLY A 42 -2.44 -25.88 6.88
C GLY A 42 -1.10 -26.49 7.24
N PRO A 43 -0.53 -26.06 8.38
CA PRO A 43 0.76 -26.54 8.86
C PRO A 43 0.68 -27.99 9.35
N SER A 44 1.82 -28.56 9.70
CA SER A 44 1.89 -29.94 10.18
C SER A 44 1.03 -30.11 11.44
N SER A 45 1.21 -29.19 12.39
CA SER A 45 0.46 -29.25 13.65
C SER A 45 0.00 -27.86 14.07
N GLY A 46 -1.00 -27.81 14.95
CA GLY A 46 -1.51 -26.54 15.41
C GLY A 46 -0.41 -25.54 15.71
ZN ZN B . -1.83 -1.37 0.80
N GLY A 1 -0.78 27.94 -0.20
CA GLY A 1 -1.04 26.57 -0.60
C GLY A 1 -0.61 26.29 -2.03
N SER A 2 0.64 26.66 -2.35
CA SER A 2 1.17 26.45 -3.69
C SER A 2 0.77 25.08 -4.22
N SER A 3 0.85 24.92 -5.54
CA SER A 3 0.50 23.66 -6.18
C SER A 3 0.94 22.47 -5.32
N GLY A 4 2.21 22.47 -4.95
CA GLY A 4 2.74 21.39 -4.13
C GLY A 4 4.26 21.36 -4.11
N SER A 5 4.84 21.44 -2.93
CA SER A 5 6.29 21.43 -2.77
C SER A 5 6.81 20.00 -2.60
N SER A 6 7.03 19.32 -3.72
CA SER A 6 7.52 17.94 -3.68
C SER A 6 8.32 17.63 -4.94
N GLY A 7 9.54 17.15 -4.75
CA GLY A 7 10.39 16.81 -5.89
C GLY A 7 9.99 15.50 -6.54
N THR A 8 10.28 15.37 -7.83
CA THR A 8 9.95 14.18 -8.58
C THR A 8 10.76 12.98 -8.10
N GLY A 9 10.21 12.24 -7.14
CA GLY A 9 10.91 11.08 -6.61
C GLY A 9 10.80 10.97 -5.11
N GLU A 10 9.57 10.86 -4.61
CA GLU A 10 9.34 10.76 -3.17
C GLU A 10 8.81 9.37 -2.81
N LYS A 11 7.78 8.93 -3.51
CA LYS A 11 7.18 7.62 -3.27
C LYS A 11 7.25 6.75 -4.51
N PRO A 12 8.43 6.17 -4.76
CA PRO A 12 8.66 5.30 -5.91
C PRO A 12 7.92 3.96 -5.78
N TYR A 13 7.63 3.57 -4.55
CA TYR A 13 6.92 2.32 -4.30
C TYR A 13 5.53 2.59 -3.74
N LYS A 14 4.54 2.66 -4.63
CA LYS A 14 3.16 2.90 -4.23
C LYS A 14 2.32 1.65 -4.38
N CYS A 15 1.17 1.63 -3.72
CA CYS A 15 0.26 0.48 -3.78
C CYS A 15 -1.05 0.87 -4.44
N GLU A 16 -1.67 -0.09 -5.12
CA GLU A 16 -2.94 0.15 -5.80
C GLU A 16 -4.10 -0.48 -5.02
N LYS A 17 -3.82 -1.60 -4.36
CA LYS A 17 -4.83 -2.29 -3.58
C LYS A 17 -5.48 -1.35 -2.56
N CYS A 18 -4.67 -0.55 -1.89
CA CYS A 18 -5.16 0.39 -0.90
C CYS A 18 -5.03 1.83 -1.40
N GLY A 19 -3.86 2.15 -1.96
CA GLY A 19 -3.63 3.49 -2.47
C GLY A 19 -2.69 4.29 -1.60
N LYS A 20 -1.67 3.64 -1.08
CA LYS A 20 -0.68 4.30 -0.22
C LYS A 20 0.66 4.40 -0.92
N GLY A 21 1.61 5.09 -0.27
CA GLY A 21 2.94 5.24 -0.85
C GLY A 21 4.03 4.77 0.09
N TYR A 22 5.20 4.50 -0.48
CA TYR A 22 6.33 4.04 0.32
C TYR A 22 7.66 4.49 -0.30
N ASN A 23 8.61 4.85 0.54
CA ASN A 23 9.91 5.30 0.08
C ASN A 23 10.81 4.11 -0.25
N SER A 24 10.80 3.11 0.62
CA SER A 24 11.61 1.91 0.43
C SER A 24 10.77 0.76 -0.11
N LYS A 25 11.44 -0.29 -0.58
CA LYS A 25 10.76 -1.46 -1.11
C LYS A 25 10.35 -2.42 0.00
N PHE A 26 11.31 -2.73 0.88
CA PHE A 26 11.05 -3.62 2.00
C PHE A 26 9.67 -3.38 2.59
N ASN A 27 9.38 -2.12 2.91
CA ASN A 27 8.09 -1.76 3.49
C ASN A 27 6.94 -2.30 2.65
N LEU A 28 7.02 -2.06 1.34
CA LEU A 28 5.98 -2.53 0.42
C LEU A 28 5.92 -4.05 0.39
N ASP A 29 7.08 -4.68 0.25
CA ASP A 29 7.16 -6.14 0.21
C ASP A 29 6.34 -6.75 1.35
N MET A 30 6.58 -6.29 2.57
CA MET A 30 5.88 -6.78 3.74
C MET A 30 4.42 -6.33 3.73
N HIS A 31 4.22 -5.01 3.66
CA HIS A 31 2.88 -4.44 3.64
C HIS A 31 1.94 -5.28 2.77
N GLN A 32 2.42 -5.64 1.58
CA GLN A 32 1.62 -6.44 0.66
C GLN A 32 0.87 -7.55 1.39
N LYS A 33 1.59 -8.29 2.21
CA LYS A 33 1.00 -9.39 2.98
C LYS A 33 -0.28 -8.92 3.69
N VAL A 34 -0.24 -7.70 4.21
CA VAL A 34 -1.38 -7.13 4.92
C VAL A 34 -2.69 -7.49 4.21
N HIS A 35 -2.74 -7.20 2.91
CA HIS A 35 -3.93 -7.49 2.11
C HIS A 35 -4.17 -8.99 2.00
N THR A 36 -3.11 -9.72 1.62
CA THR A 36 -3.21 -11.17 1.48
C THR A 36 -3.78 -11.81 2.72
N GLY A 37 -4.95 -12.44 2.58
CA GLY A 37 -5.59 -13.09 3.70
C GLY A 37 -6.81 -12.34 4.19
N GLU A 38 -7.27 -12.67 5.40
CA GLU A 38 -8.44 -12.02 5.97
C GLU A 38 -9.45 -11.67 4.89
N ARG A 39 -9.75 -12.64 4.03
CA ARG A 39 -10.71 -12.43 2.94
C ARG A 39 -11.99 -11.80 3.47
N PRO A 40 -12.59 -10.92 2.65
CA PRO A 40 -13.84 -10.23 3.01
C PRO A 40 -15.03 -11.18 3.04
N SER A 41 -15.34 -11.73 4.22
CA SER A 41 -16.45 -12.64 4.37
C SER A 41 -17.78 -11.91 4.27
N GLY A 42 -18.70 -12.46 3.48
CA GLY A 42 -20.01 -11.84 3.32
C GLY A 42 -20.49 -11.16 4.58
N PRO A 43 -21.22 -10.05 4.42
CA PRO A 43 -21.76 -9.28 5.55
C PRO A 43 -22.87 -10.02 6.28
N SER A 44 -22.60 -10.39 7.53
CA SER A 44 -23.58 -11.11 8.33
C SER A 44 -23.53 -10.64 9.78
N SER A 45 -24.60 -9.98 10.22
CA SER A 45 -24.68 -9.47 11.59
C SER A 45 -24.03 -10.45 12.56
N GLY A 46 -22.97 -9.99 13.22
CA GLY A 46 -22.27 -10.83 14.18
C GLY A 46 -22.42 -10.35 15.60
ZN ZN B . -1.61 -1.81 -0.12
N GLY A 1 -14.98 24.52 -6.41
CA GLY A 1 -14.24 23.28 -6.55
C GLY A 1 -12.78 23.43 -6.20
N SER A 2 -12.50 24.08 -5.08
CA SER A 2 -11.12 24.30 -4.65
C SER A 2 -10.90 23.74 -3.25
N SER A 3 -10.29 22.56 -3.19
CA SER A 3 -10.02 21.90 -1.92
C SER A 3 -9.01 20.77 -2.09
N GLY A 4 -7.90 20.86 -1.36
CA GLY A 4 -6.87 19.85 -1.44
C GLY A 4 -5.76 20.23 -2.41
N SER A 5 -5.40 19.29 -3.29
CA SER A 5 -4.34 19.54 -4.26
C SER A 5 -3.03 19.89 -3.57
N SER A 6 -2.74 19.18 -2.47
CA SER A 6 -1.53 19.42 -1.72
C SER A 6 -0.95 18.10 -1.18
N GLY A 7 0.34 17.91 -1.37
CA GLY A 7 0.99 16.69 -0.90
C GLY A 7 2.43 16.58 -1.36
N THR A 8 3.17 17.70 -1.28
CA THR A 8 4.56 17.71 -1.69
C THR A 8 5.27 16.41 -1.34
N GLY A 9 6.24 16.03 -2.16
CA GLY A 9 6.97 14.81 -1.91
C GLY A 9 6.28 13.59 -2.49
N GLU A 10 7.01 12.82 -3.29
CA GLU A 10 6.45 11.63 -3.92
C GLU A 10 7.31 10.41 -3.61
N LYS A 11 6.69 9.23 -3.61
CA LYS A 11 7.39 7.99 -3.34
C LYS A 11 7.29 7.03 -4.52
N PRO A 12 8.38 6.28 -4.77
CA PRO A 12 8.44 5.31 -5.87
C PRO A 12 7.54 4.11 -5.64
N TYR A 13 7.66 3.50 -4.46
CA TYR A 13 6.86 2.33 -4.11
C TYR A 13 5.44 2.74 -3.76
N LYS A 14 4.57 2.80 -4.76
CA LYS A 14 3.18 3.17 -4.56
C LYS A 14 2.27 1.95 -4.64
N CYS A 15 1.78 1.50 -3.49
CA CYS A 15 0.90 0.35 -3.42
C CYS A 15 -0.27 0.49 -4.39
N GLU A 16 -0.87 -0.63 -4.76
CA GLU A 16 -2.00 -0.62 -5.68
C GLU A 16 -3.27 -1.13 -4.99
N LYS A 17 -3.10 -2.03 -4.03
CA LYS A 17 -4.22 -2.59 -3.30
C LYS A 17 -4.99 -1.50 -2.57
N CYS A 18 -4.26 -0.60 -1.91
CA CYS A 18 -4.88 0.50 -1.17
C CYS A 18 -4.53 1.84 -1.81
N GLY A 19 -3.25 2.04 -2.10
CA GLY A 19 -2.81 3.29 -2.70
C GLY A 19 -1.98 4.13 -1.76
N LYS A 20 -1.11 3.48 -0.99
CA LYS A 20 -0.26 4.18 -0.04
C LYS A 20 1.16 4.33 -0.59
N GLY A 21 1.84 5.40 -0.18
CA GLY A 21 3.19 5.64 -0.64
C GLY A 21 4.23 4.97 0.24
N TYR A 22 5.37 4.62 -0.36
CA TYR A 22 6.45 3.97 0.37
C TYR A 22 7.81 4.26 -0.27
N ASN A 23 8.81 4.49 0.57
CA ASN A 23 10.15 4.80 0.09
C ASN A 23 11.09 3.64 0.37
N SER A 24 10.61 2.42 0.16
CA SER A 24 11.41 1.22 0.39
C SER A 24 10.73 -0.01 -0.18
N LYS A 25 11.50 -0.84 -0.89
CA LYS A 25 10.97 -2.06 -1.48
C LYS A 25 10.55 -3.06 -0.41
N PHE A 26 11.33 -3.14 0.67
CA PHE A 26 11.05 -4.05 1.76
C PHE A 26 9.72 -3.69 2.43
N ASN A 27 9.63 -2.44 2.90
CA ASN A 27 8.42 -1.98 3.57
C ASN A 27 7.17 -2.40 2.81
N LEU A 28 7.22 -2.26 1.48
CA LEU A 28 6.10 -2.62 0.63
C LEU A 28 5.94 -4.14 0.56
N ASP A 29 7.02 -4.83 0.22
CA ASP A 29 7.00 -6.29 0.13
C ASP A 29 6.18 -6.90 1.25
N MET A 30 6.31 -6.32 2.45
CA MET A 30 5.57 -6.81 3.61
C MET A 30 4.15 -6.25 3.64
N HIS A 31 4.04 -4.93 3.68
CA HIS A 31 2.74 -4.28 3.71
C HIS A 31 1.76 -4.98 2.78
N GLN A 32 2.26 -5.43 1.64
CA GLN A 32 1.42 -6.13 0.67
C GLN A 32 0.55 -7.18 1.35
N LYS A 33 1.15 -7.96 2.23
CA LYS A 33 0.43 -9.00 2.95
C LYS A 33 -0.78 -8.42 3.69
N VAL A 34 -0.61 -7.22 4.23
CA VAL A 34 -1.68 -6.55 4.96
C VAL A 34 -3.02 -6.76 4.27
N HIS A 35 -2.99 -6.91 2.94
CA HIS A 35 -4.21 -7.11 2.17
C HIS A 35 -4.53 -8.60 2.05
N THR A 36 -4.55 -9.28 3.18
CA THR A 36 -4.84 -10.71 3.21
C THR A 36 -6.16 -11.00 3.92
N GLY A 37 -6.43 -10.24 4.98
CA GLY A 37 -7.66 -10.42 5.73
C GLY A 37 -7.48 -11.34 6.92
N GLU A 38 -8.38 -12.32 7.05
CA GLU A 38 -8.31 -13.26 8.17
C GLU A 38 -7.43 -14.45 7.82
N ARG A 39 -6.64 -14.89 8.80
CA ARG A 39 -5.74 -16.03 8.60
C ARG A 39 -6.48 -17.21 7.99
N PRO A 40 -5.79 -17.96 7.10
CA PRO A 40 -6.36 -19.12 6.43
C PRO A 40 -6.58 -20.29 7.39
N SER A 41 -6.99 -21.43 6.84
CA SER A 41 -7.24 -22.62 7.65
C SER A 41 -6.02 -22.96 8.51
N GLY A 42 -6.02 -22.46 9.74
CA GLY A 42 -4.91 -22.73 10.64
C GLY A 42 -4.99 -21.90 11.91
N PRO A 43 -5.77 -22.38 12.88
CA PRO A 43 -5.94 -21.70 14.18
C PRO A 43 -4.68 -21.74 15.02
N SER A 44 -3.98 -20.61 15.09
CA SER A 44 -2.76 -20.51 15.87
C SER A 44 -2.51 -19.07 16.32
N SER A 45 -2.70 -18.83 17.62
CA SER A 45 -2.50 -17.49 18.17
C SER A 45 -1.26 -17.45 19.05
N GLY A 46 -0.25 -16.70 18.61
CA GLY A 46 0.98 -16.59 19.36
C GLY A 46 1.50 -15.16 19.42
ZN ZN B . -1.45 -1.38 0.37
N GLY A 1 -14.58 21.71 -10.71
CA GLY A 1 -13.65 20.61 -10.58
C GLY A 1 -12.48 20.96 -9.69
N SER A 2 -12.42 20.35 -8.51
CA SER A 2 -11.35 20.60 -7.56
C SER A 2 -10.02 20.06 -8.10
N SER A 3 -8.92 20.53 -7.52
CA SER A 3 -7.59 20.09 -7.93
C SER A 3 -6.56 20.38 -6.84
N GLY A 4 -5.38 19.78 -6.99
CA GLY A 4 -4.32 19.99 -6.01
C GLY A 4 -3.14 19.06 -6.23
N SER A 5 -2.64 19.03 -7.46
CA SER A 5 -1.50 18.18 -7.80
C SER A 5 -0.22 18.71 -7.17
N SER A 6 0.10 19.97 -7.46
CA SER A 6 1.31 20.59 -6.94
C SER A 6 2.45 19.59 -6.85
N GLY A 7 2.58 18.76 -7.87
CA GLY A 7 3.64 17.76 -7.89
C GLY A 7 3.15 16.38 -7.47
N THR A 8 4.07 15.50 -7.12
CA THR A 8 3.72 14.15 -6.71
C THR A 8 4.38 13.79 -5.38
N GLY A 9 5.67 14.09 -5.27
CA GLY A 9 6.40 13.80 -4.05
C GLY A 9 7.49 12.76 -4.26
N GLU A 10 7.93 12.14 -3.17
CA GLU A 10 8.97 11.13 -3.23
C GLU A 10 8.42 9.76 -2.88
N LYS A 11 7.38 9.34 -3.59
CA LYS A 11 6.76 8.03 -3.35
C LYS A 11 6.86 7.15 -4.60
N PRO A 12 8.02 6.52 -4.77
CA PRO A 12 8.27 5.62 -5.92
C PRO A 12 7.47 4.33 -5.82
N TYR A 13 7.49 3.70 -4.65
CA TYR A 13 6.77 2.45 -4.44
C TYR A 13 5.38 2.72 -3.89
N LYS A 14 4.39 2.70 -4.76
CA LYS A 14 3.00 2.94 -4.36
C LYS A 14 2.17 1.66 -4.47
N CYS A 15 1.55 1.27 -3.37
CA CYS A 15 0.72 0.07 -3.34
C CYS A 15 -0.33 0.11 -4.46
N GLU A 16 -1.04 -0.99 -4.63
CA GLU A 16 -2.08 -1.09 -5.64
C GLU A 16 -3.46 -1.24 -5.02
N LYS A 17 -3.60 -2.22 -4.13
CA LYS A 17 -4.87 -2.47 -3.46
C LYS A 17 -5.39 -1.20 -2.80
N CYS A 18 -4.59 -0.62 -1.91
CA CYS A 18 -4.98 0.60 -1.21
C CYS A 18 -4.43 1.83 -1.94
N GLY A 19 -3.20 1.74 -2.42
CA GLY A 19 -2.59 2.85 -3.13
C GLY A 19 -1.82 3.77 -2.20
N LYS A 20 -1.13 3.19 -1.23
CA LYS A 20 -0.35 3.97 -0.27
C LYS A 20 1.07 4.17 -0.77
N GLY A 21 1.79 5.09 -0.13
CA GLY A 21 3.16 5.36 -0.52
C GLY A 21 4.17 4.65 0.37
N TYR A 22 5.40 4.53 -0.12
CA TYR A 22 6.45 3.86 0.63
C TYR A 22 7.83 4.20 0.05
N ASN A 23 8.72 4.66 0.91
CA ASN A 23 10.08 5.01 0.49
C ASN A 23 11.04 3.85 0.71
N SER A 24 10.56 2.64 0.47
CA SER A 24 11.37 1.44 0.65
C SER A 24 10.70 0.22 0.03
N LYS A 25 11.33 -0.34 -1.00
CA LYS A 25 10.79 -1.51 -1.68
C LYS A 25 10.44 -2.61 -0.67
N PHE A 26 11.42 -3.01 0.13
CA PHE A 26 11.21 -4.04 1.13
C PHE A 26 9.94 -3.78 1.93
N ASN A 27 9.86 -2.60 2.52
CA ASN A 27 8.69 -2.23 3.32
C ASN A 27 7.40 -2.52 2.57
N LEU A 28 7.27 -1.96 1.38
CA LEU A 28 6.08 -2.16 0.56
C LEU A 28 5.65 -3.63 0.58
N ASP A 29 6.59 -4.52 0.25
CA ASP A 29 6.31 -5.95 0.22
C ASP A 29 5.72 -6.41 1.55
N MET A 30 6.38 -6.03 2.65
CA MET A 30 5.90 -6.41 3.98
C MET A 30 4.49 -5.88 4.23
N HIS A 31 4.09 -4.88 3.45
CA HIS A 31 2.77 -4.29 3.59
C HIS A 31 1.76 -5.00 2.68
N GLN A 32 2.22 -5.40 1.50
CA GLN A 32 1.37 -6.09 0.54
C GLN A 32 0.55 -7.19 1.23
N LYS A 33 1.21 -7.96 2.08
CA LYS A 33 0.56 -9.04 2.80
C LYS A 33 -0.58 -8.51 3.65
N VAL A 34 -0.44 -7.27 4.13
CA VAL A 34 -1.46 -6.65 4.96
C VAL A 34 -2.87 -6.96 4.44
N HIS A 35 -3.05 -6.80 3.14
CA HIS A 35 -4.35 -7.06 2.51
C HIS A 35 -4.66 -8.56 2.53
N THR A 36 -5.54 -8.96 3.44
CA THR A 36 -5.92 -10.36 3.56
C THR A 36 -7.42 -10.53 3.38
N GLY A 37 -7.84 -10.67 2.12
CA GLY A 37 -9.26 -10.85 1.83
C GLY A 37 -9.71 -12.28 1.96
N GLU A 38 -9.80 -12.76 3.20
CA GLU A 38 -10.22 -14.13 3.45
C GLU A 38 -10.82 -14.27 4.85
N ARG A 39 -12.06 -14.74 4.91
CA ARG A 39 -12.74 -14.93 6.19
C ARG A 39 -13.43 -16.28 6.26
N PRO A 40 -13.41 -16.90 7.45
CA PRO A 40 -14.03 -18.21 7.67
C PRO A 40 -15.56 -18.15 7.60
N SER A 41 -16.19 -19.31 7.74
CA SER A 41 -17.65 -19.39 7.69
C SER A 41 -18.26 -19.01 9.04
N GLY A 42 -19.10 -17.98 9.02
CA GLY A 42 -19.74 -17.53 10.24
C GLY A 42 -21.23 -17.78 10.25
N PRO A 43 -21.79 -18.07 11.43
CA PRO A 43 -23.22 -18.34 11.59
C PRO A 43 -24.08 -17.10 11.39
N SER A 44 -23.42 -15.97 11.12
CA SER A 44 -24.11 -14.71 10.91
C SER A 44 -24.16 -14.36 9.43
N SER A 45 -23.03 -14.47 8.75
CA SER A 45 -22.94 -14.16 7.34
C SER A 45 -23.36 -12.71 7.06
N GLY A 46 -22.93 -11.81 7.96
CA GLY A 46 -23.25 -10.41 7.79
C GLY A 46 -22.72 -9.56 8.93
ZN ZN B . -1.73 -1.63 0.32
N GLY A 1 -6.19 23.16 0.86
CA GLY A 1 -5.01 22.99 1.68
C GLY A 1 -5.28 23.26 3.15
N SER A 2 -5.35 22.19 3.94
CA SER A 2 -5.62 22.31 5.36
C SER A 2 -5.45 20.96 6.06
N SER A 3 -4.71 20.95 7.16
CA SER A 3 -4.47 19.73 7.92
C SER A 3 -4.16 18.56 6.98
N GLY A 4 -3.34 18.83 5.97
CA GLY A 4 -2.99 17.79 5.02
C GLY A 4 -2.22 18.34 3.82
N SER A 5 -1.03 18.87 4.07
CA SER A 5 -0.21 19.43 3.01
C SER A 5 0.91 18.47 2.62
N SER A 6 1.13 18.34 1.31
CA SER A 6 2.17 17.44 0.80
C SER A 6 3.23 18.23 0.04
N GLY A 7 4.33 17.56 -0.30
CA GLY A 7 5.40 18.20 -1.03
C GLY A 7 6.68 17.39 -1.02
N THR A 8 7.69 17.90 -0.33
CA THR A 8 8.98 17.21 -0.25
C THR A 8 8.80 15.73 0.06
N GLY A 9 9.21 14.88 -0.88
CA GLY A 9 9.08 13.45 -0.70
C GLY A 9 8.71 12.73 -1.97
N GLU A 10 9.42 11.64 -2.27
CA GLU A 10 9.16 10.86 -3.47
C GLU A 10 8.76 9.44 -3.12
N LYS A 11 7.53 9.07 -3.44
CA LYS A 11 7.02 7.73 -3.16
C LYS A 11 6.88 6.93 -4.44
N PRO A 12 8.01 6.37 -4.91
CA PRO A 12 8.04 5.56 -6.14
C PRO A 12 7.34 4.22 -5.97
N TYR A 13 7.16 3.80 -4.71
CA TYR A 13 6.51 2.54 -4.41
C TYR A 13 5.09 2.76 -3.90
N LYS A 14 4.13 2.74 -4.82
CA LYS A 14 2.73 2.95 -4.46
C LYS A 14 1.96 1.63 -4.49
N CYS A 15 1.29 1.33 -3.40
CA CYS A 15 0.51 0.10 -3.29
C CYS A 15 -0.71 0.14 -4.22
N GLU A 16 -0.87 -0.91 -5.01
CA GLU A 16 -2.00 -1.00 -5.95
C GLU A 16 -3.19 -1.68 -5.29
N LYS A 17 -3.12 -1.88 -3.98
CA LYS A 17 -4.19 -2.52 -3.24
C LYS A 17 -5.07 -1.48 -2.56
N CYS A 18 -4.46 -0.58 -1.81
CA CYS A 18 -5.19 0.47 -1.10
C CYS A 18 -4.90 1.84 -1.71
N GLY A 19 -3.62 2.14 -1.89
CA GLY A 19 -3.22 3.42 -2.46
C GLY A 19 -2.31 4.20 -1.55
N LYS A 20 -1.37 3.50 -0.90
CA LYS A 20 -0.43 4.15 0.00
C LYS A 20 0.95 4.26 -0.65
N GLY A 21 1.71 5.26 -0.22
CA GLY A 21 3.05 5.47 -0.76
C GLY A 21 4.13 4.93 0.14
N TYR A 22 5.28 4.60 -0.44
CA TYR A 22 6.40 4.07 0.32
C TYR A 22 7.73 4.55 -0.26
N ASN A 23 8.76 4.58 0.58
CA ASN A 23 10.08 5.02 0.15
C ASN A 23 11.09 3.88 0.26
N SER A 24 10.60 2.65 0.19
CA SER A 24 11.46 1.48 0.29
C SER A 24 10.76 0.24 -0.26
N LYS A 25 11.51 -0.58 -0.99
CA LYS A 25 10.96 -1.79 -1.58
C LYS A 25 10.51 -2.77 -0.49
N PHE A 26 11.35 -2.97 0.51
CA PHE A 26 11.03 -3.88 1.60
C PHE A 26 9.73 -3.47 2.29
N ASN A 27 9.68 -2.22 2.75
CA ASN A 27 8.50 -1.69 3.43
C ASN A 27 7.23 -2.03 2.64
N LEU A 28 7.34 -1.99 1.32
CA LEU A 28 6.20 -2.30 0.45
C LEU A 28 5.94 -3.79 0.40
N ASP A 29 7.01 -4.58 0.26
CA ASP A 29 6.89 -6.03 0.19
C ASP A 29 6.10 -6.56 1.39
N MET A 30 6.33 -5.96 2.55
CA MET A 30 5.64 -6.38 3.77
C MET A 30 4.17 -5.94 3.75
N HIS A 31 3.97 -4.62 3.73
CA HIS A 31 2.62 -4.07 3.71
C HIS A 31 1.69 -4.93 2.84
N GLN A 32 2.25 -5.52 1.79
CA GLN A 32 1.47 -6.37 0.89
C GLN A 32 0.71 -7.42 1.67
N LYS A 33 1.39 -8.11 2.57
CA LYS A 33 0.78 -9.15 3.38
C LYS A 33 -0.53 -8.66 4.00
N VAL A 34 -0.65 -7.34 4.15
CA VAL A 34 -1.84 -6.75 4.72
C VAL A 34 -3.09 -7.12 3.92
N HIS A 35 -2.98 -7.05 2.60
CA HIS A 35 -4.09 -7.39 1.73
C HIS A 35 -4.05 -8.86 1.33
N THR A 36 -4.59 -9.72 2.20
CA THR A 36 -4.61 -11.16 1.96
C THR A 36 -6.01 -11.72 2.12
N GLY A 37 -7.00 -11.01 1.58
CA GLY A 37 -8.38 -11.47 1.69
C GLY A 37 -8.95 -11.89 0.35
N GLU A 38 -8.86 -11.00 -0.64
CA GLU A 38 -9.38 -11.29 -1.97
C GLU A 38 -8.60 -12.43 -2.63
N ARG A 39 -9.29 -13.51 -2.95
CA ARG A 39 -8.66 -14.67 -3.57
C ARG A 39 -9.57 -15.27 -4.65
N PRO A 40 -8.95 -15.72 -5.75
CA PRO A 40 -9.68 -16.33 -6.87
C PRO A 40 -10.29 -17.68 -6.51
N SER A 41 -11.02 -18.26 -7.45
CA SER A 41 -11.66 -19.56 -7.23
C SER A 41 -10.92 -20.66 -7.99
N GLY A 42 -9.76 -21.03 -7.47
CA GLY A 42 -8.97 -22.07 -8.09
C GLY A 42 -7.48 -21.81 -8.01
N PRO A 43 -6.87 -22.17 -6.88
CA PRO A 43 -5.43 -21.98 -6.65
C PRO A 43 -4.58 -22.90 -7.52
N SER A 44 -3.40 -22.41 -7.89
CA SER A 44 -2.49 -23.19 -8.73
C SER A 44 -1.12 -22.52 -8.80
N SER A 45 -0.08 -23.34 -8.94
CA SER A 45 1.29 -22.83 -9.01
C SER A 45 1.69 -22.14 -7.71
N GLY A 46 1.32 -22.75 -6.58
CA GLY A 46 1.65 -22.18 -5.30
C GLY A 46 3.10 -21.77 -5.19
ZN ZN B . -1.90 -1.39 0.48
N GLY A 1 -14.27 9.80 -0.94
CA GLY A 1 -12.92 10.35 -0.90
C GLY A 1 -12.32 10.53 -2.28
N SER A 2 -11.24 11.29 -2.37
CA SER A 2 -10.58 11.55 -3.64
C SER A 2 -9.06 11.50 -3.49
N SER A 3 -8.36 11.21 -4.57
CA SER A 3 -6.91 11.12 -4.56
C SER A 3 -6.29 12.43 -5.02
N GLY A 4 -5.05 12.67 -4.60
CA GLY A 4 -4.36 13.90 -4.97
C GLY A 4 -2.85 13.76 -4.88
N SER A 5 -2.36 13.56 -3.67
CA SER A 5 -0.92 13.43 -3.45
C SER A 5 -0.33 12.34 -4.34
N SER A 6 0.35 12.77 -5.40
CA SER A 6 0.96 11.84 -6.34
C SER A 6 2.06 12.51 -7.14
N GLY A 7 3.30 12.10 -6.91
CA GLY A 7 4.43 12.68 -7.62
C GLY A 7 5.52 11.65 -7.90
N THR A 8 6.54 12.08 -8.64
CA THR A 8 7.65 11.20 -8.98
C THR A 8 8.82 11.39 -8.03
N GLY A 9 9.39 10.28 -7.57
CA GLY A 9 10.52 10.34 -6.66
C GLY A 9 10.08 10.30 -5.20
N GLU A 10 9.01 11.01 -4.88
CA GLU A 10 8.50 11.05 -3.51
C GLU A 10 7.97 9.68 -3.09
N LYS A 11 7.20 9.05 -3.97
CA LYS A 11 6.63 7.74 -3.69
C LYS A 11 6.87 6.78 -4.85
N PRO A 12 8.08 6.22 -4.92
CA PRO A 12 8.47 5.28 -5.98
C PRO A 12 7.75 3.94 -5.86
N TYR A 13 7.38 3.59 -4.62
CA TYR A 13 6.69 2.33 -4.37
C TYR A 13 5.31 2.58 -3.75
N LYS A 14 4.32 2.76 -4.60
CA LYS A 14 2.95 3.01 -4.15
C LYS A 14 2.08 1.77 -4.33
N CYS A 15 1.33 1.42 -3.29
CA CYS A 15 0.45 0.25 -3.34
C CYS A 15 -0.87 0.60 -4.02
N GLU A 16 -1.27 -0.24 -4.97
CA GLU A 16 -2.52 -0.03 -5.70
C GLU A 16 -3.71 -0.61 -4.93
N LYS A 17 -3.46 -1.70 -4.22
CA LYS A 17 -4.51 -2.35 -3.44
C LYS A 17 -5.27 -1.34 -2.59
N CYS A 18 -4.53 -0.49 -1.90
CA CYS A 18 -5.13 0.54 -1.04
C CYS A 18 -4.88 1.94 -1.61
N GLY A 19 -3.63 2.23 -1.95
CA GLY A 19 -3.29 3.52 -2.50
C GLY A 19 -2.36 4.30 -1.59
N LYS A 20 -1.45 3.60 -0.93
CA LYS A 20 -0.50 4.25 -0.03
C LYS A 20 0.88 4.34 -0.68
N GLY A 21 1.71 5.24 -0.16
CA GLY A 21 3.05 5.42 -0.70
C GLY A 21 4.12 4.90 0.23
N TYR A 22 5.29 4.60 -0.33
CA TYR A 22 6.41 4.08 0.46
C TYR A 22 7.74 4.57 -0.08
N ASN A 23 8.73 4.67 0.80
CA ASN A 23 10.07 5.12 0.40
C ASN A 23 11.09 4.02 0.56
N SER A 24 10.69 2.78 0.27
CA SER A 24 11.57 1.64 0.39
C SER A 24 11.00 0.43 -0.34
N LYS A 25 11.76 -0.67 -0.36
CA LYS A 25 11.32 -1.89 -1.03
C LYS A 25 10.77 -2.89 -0.02
N PHE A 26 11.53 -3.13 1.05
CA PHE A 26 11.12 -4.06 2.09
C PHE A 26 9.75 -3.68 2.65
N ASN A 27 9.60 -2.41 2.99
CA ASN A 27 8.34 -1.92 3.55
C ASN A 27 7.17 -2.27 2.63
N LEU A 28 7.28 -1.89 1.36
CA LEU A 28 6.24 -2.17 0.38
C LEU A 28 5.92 -3.66 0.34
N ASP A 29 6.97 -4.48 0.32
CA ASP A 29 6.80 -5.93 0.28
C ASP A 29 5.95 -6.42 1.45
N MET A 30 6.48 -6.28 2.66
CA MET A 30 5.76 -6.71 3.85
C MET A 30 4.33 -6.17 3.86
N HIS A 31 4.17 -4.92 3.46
CA HIS A 31 2.85 -4.29 3.41
C HIS A 31 1.87 -5.14 2.60
N GLN A 32 2.32 -5.61 1.44
CA GLN A 32 1.49 -6.43 0.57
C GLN A 32 0.73 -7.47 1.38
N LYS A 33 1.46 -8.22 2.20
CA LYS A 33 0.86 -9.26 3.04
C LYS A 33 -0.44 -8.77 3.67
N VAL A 34 -0.45 -7.50 4.08
CA VAL A 34 -1.63 -6.90 4.70
C VAL A 34 -2.90 -7.29 3.95
N HIS A 35 -2.82 -7.22 2.62
CA HIS A 35 -3.97 -7.57 1.78
C HIS A 35 -3.99 -9.07 1.47
N THR A 36 -5.00 -9.50 0.73
CA THR A 36 -5.14 -10.90 0.37
C THR A 36 -4.63 -11.81 1.49
N GLY A 37 -4.93 -11.44 2.72
CA GLY A 37 -4.50 -12.23 3.86
C GLY A 37 -5.44 -12.11 5.04
N GLU A 38 -6.73 -12.24 4.78
CA GLU A 38 -7.74 -12.15 5.84
C GLU A 38 -8.65 -13.37 5.84
N ARG A 39 -8.21 -14.43 6.52
CA ARG A 39 -8.97 -15.66 6.59
C ARG A 39 -10.25 -15.45 7.41
N PRO A 40 -11.34 -16.12 6.99
CA PRO A 40 -12.64 -16.03 7.66
C PRO A 40 -12.63 -16.70 9.03
N SER A 41 -11.49 -17.29 9.39
CA SER A 41 -11.35 -17.97 10.68
C SER A 41 -12.08 -19.30 10.66
N GLY A 42 -11.97 -20.02 9.55
CA GLY A 42 -12.61 -21.32 9.42
C GLY A 42 -13.94 -21.37 10.16
N PRO A 43 -13.92 -21.89 11.39
CA PRO A 43 -15.12 -22.01 12.23
C PRO A 43 -15.63 -20.65 12.71
N SER A 44 -16.94 -20.56 12.91
CA SER A 44 -17.56 -19.31 13.37
C SER A 44 -16.75 -18.70 14.51
N SER A 45 -16.35 -17.44 14.33
CA SER A 45 -15.57 -16.74 15.34
C SER A 45 -15.73 -15.22 15.20
N GLY A 46 -15.77 -14.54 16.33
CA GLY A 46 -15.92 -13.09 16.31
C GLY A 46 -15.47 -12.45 17.60
ZN ZN B . -1.83 -1.72 0.16
N GLY A 1 -7.89 25.70 4.93
CA GLY A 1 -6.88 26.71 5.21
C GLY A 1 -5.48 26.23 4.92
N SER A 2 -4.56 26.48 5.86
CA SER A 2 -3.17 26.06 5.70
C SER A 2 -2.89 24.79 6.48
N SER A 3 -3.17 24.83 7.78
CA SER A 3 -2.95 23.68 8.64
C SER A 3 -3.89 22.54 8.29
N GLY A 4 -3.32 21.46 7.76
CA GLY A 4 -4.13 20.31 7.38
C GLY A 4 -3.65 19.68 6.08
N SER A 5 -2.42 19.15 6.10
CA SER A 5 -1.86 18.52 4.92
C SER A 5 -0.51 17.88 5.24
N SER A 6 -0.24 16.74 4.61
CA SER A 6 1.01 16.03 4.83
C SER A 6 1.38 15.17 3.63
N GLY A 7 2.60 14.67 3.61
CA GLY A 7 3.06 13.84 2.51
C GLY A 7 4.22 14.45 1.75
N THR A 8 5.41 14.40 2.34
CA THR A 8 6.59 14.96 1.71
C THR A 8 7.68 13.90 1.54
N GLY A 9 7.90 13.49 0.28
CA GLY A 9 8.91 12.49 0.01
C GLY A 9 8.68 11.77 -1.31
N GLU A 10 9.74 11.20 -1.87
CA GLU A 10 9.64 10.49 -3.14
C GLU A 10 9.06 9.09 -2.93
N LYS A 11 7.89 8.84 -3.52
CA LYS A 11 7.23 7.55 -3.40
C LYS A 11 7.30 6.78 -4.72
N PRO A 12 8.47 6.19 -5.00
CA PRO A 12 8.69 5.42 -6.22
C PRO A 12 7.91 4.11 -6.23
N TYR A 13 7.45 3.69 -5.06
CA TYR A 13 6.68 2.45 -4.93
C TYR A 13 5.31 2.72 -4.31
N LYS A 14 4.26 2.46 -5.08
CA LYS A 14 2.90 2.67 -4.61
C LYS A 14 2.19 1.33 -4.38
N CYS A 15 1.03 1.39 -3.74
CA CYS A 15 0.26 0.19 -3.46
C CYS A 15 -1.05 0.19 -4.26
N GLU A 16 -1.16 -0.74 -5.20
CA GLU A 16 -2.37 -0.84 -6.02
C GLU A 16 -3.41 -1.74 -5.36
N LYS A 17 -3.55 -1.60 -4.05
CA LYS A 17 -4.51 -2.41 -3.30
C LYS A 17 -5.38 -1.52 -2.42
N CYS A 18 -4.76 -0.55 -1.75
CA CYS A 18 -5.48 0.36 -0.87
C CYS A 18 -5.29 1.80 -1.32
N GLY A 19 -4.04 2.18 -1.59
CA GLY A 19 -3.75 3.53 -2.03
C GLY A 19 -2.75 4.23 -1.12
N LYS A 20 -1.70 3.51 -0.73
CA LYS A 20 -0.68 4.06 0.14
C LYS A 20 0.62 4.29 -0.62
N GLY A 21 1.50 5.13 -0.06
CA GLY A 21 2.76 5.42 -0.71
C GLY A 21 3.95 5.12 0.19
N TYR A 22 4.98 4.49 -0.38
CA TYR A 22 6.18 4.16 0.39
C TYR A 22 7.43 4.67 -0.32
N ASN A 23 8.57 4.51 0.33
CA ASN A 23 9.84 4.95 -0.22
C ASN A 23 10.77 3.76 -0.46
N SER A 24 10.86 2.88 0.53
CA SER A 24 11.72 1.71 0.43
C SER A 24 11.01 0.57 -0.29
N LYS A 25 11.75 -0.48 -0.62
CA LYS A 25 11.19 -1.63 -1.32
C LYS A 25 10.66 -2.65 -0.32
N PHE A 26 11.54 -3.18 0.52
CA PHE A 26 11.16 -4.16 1.52
C PHE A 26 9.89 -3.73 2.27
N ASN A 27 9.91 -2.50 2.78
CA ASN A 27 8.78 -1.96 3.51
C ASN A 27 7.47 -2.25 2.78
N LEU A 28 7.34 -1.71 1.57
CA LEU A 28 6.14 -1.92 0.76
C LEU A 28 5.68 -3.37 0.82
N ASP A 29 6.59 -4.29 0.49
CA ASP A 29 6.28 -5.72 0.52
C ASP A 29 5.61 -6.10 1.83
N MET A 30 6.24 -5.74 2.95
CA MET A 30 5.70 -6.05 4.26
C MET A 30 4.26 -5.56 4.39
N HIS A 31 3.90 -4.56 3.60
CA HIS A 31 2.55 -4.01 3.62
C HIS A 31 1.64 -4.77 2.67
N GLN A 32 2.19 -5.18 1.53
CA GLN A 32 1.42 -5.92 0.54
C GLN A 32 0.80 -7.17 1.15
N LYS A 33 1.58 -7.90 1.93
CA LYS A 33 1.11 -9.12 2.58
C LYS A 33 -0.17 -8.86 3.37
N VAL A 34 -0.26 -7.68 3.96
CA VAL A 34 -1.42 -7.30 4.75
C VAL A 34 -2.71 -7.54 3.97
N HIS A 35 -2.67 -7.22 2.68
CA HIS A 35 -3.84 -7.40 1.82
C HIS A 35 -4.01 -8.87 1.43
N THR A 36 -4.00 -9.74 2.44
CA THR A 36 -4.16 -11.17 2.22
C THR A 36 -5.54 -11.65 2.65
N GLY A 37 -6.53 -10.80 2.49
CA GLY A 37 -7.89 -11.15 2.87
C GLY A 37 -8.60 -10.04 3.63
N GLU A 38 -9.03 -10.33 4.85
CA GLU A 38 -9.72 -9.35 5.67
C GLU A 38 -9.00 -8.01 5.65
N ARG A 39 -9.72 -6.96 5.26
CA ARG A 39 -9.14 -5.62 5.19
C ARG A 39 -10.14 -4.57 5.69
N PRO A 40 -9.62 -3.57 6.41
CA PRO A 40 -10.44 -2.49 6.96
C PRO A 40 -10.99 -1.57 5.87
N SER A 41 -12.20 -1.06 6.09
CA SER A 41 -12.84 -0.17 5.13
C SER A 41 -11.82 0.76 4.49
N GLY A 42 -11.02 1.42 5.32
CA GLY A 42 -10.01 2.32 4.82
C GLY A 42 -9.26 3.04 5.93
N PRO A 43 -7.99 3.38 5.68
CA PRO A 43 -7.15 4.09 6.66
C PRO A 43 -7.61 5.53 6.88
N SER A 44 -8.60 5.96 6.11
CA SER A 44 -9.12 7.32 6.23
C SER A 44 -10.60 7.30 6.59
N SER A 45 -11.03 8.32 7.33
CA SER A 45 -12.43 8.42 7.74
C SER A 45 -13.27 9.11 6.67
N GLY A 46 -14.39 8.50 6.32
CA GLY A 46 -15.26 9.06 5.31
C GLY A 46 -16.71 8.67 5.50
ZN ZN B . -2.04 -1.24 0.45
N GLY A 1 -8.23 14.66 13.09
CA GLY A 1 -7.21 14.66 12.06
C GLY A 1 -6.06 13.72 12.37
N SER A 2 -5.43 13.21 11.32
CA SER A 2 -4.31 12.28 11.48
C SER A 2 -3.14 12.67 10.58
N SER A 3 -1.96 12.19 10.91
CA SER A 3 -0.76 12.48 10.14
C SER A 3 -0.26 11.24 9.41
N GLY A 4 0.62 11.44 8.44
CA GLY A 4 1.17 10.33 7.68
C GLY A 4 1.31 10.64 6.21
N SER A 5 1.99 11.75 5.91
CA SER A 5 2.20 12.16 4.52
C SER A 5 3.62 12.68 4.32
N SER A 6 4.18 12.42 3.14
CA SER A 6 5.53 12.85 2.82
C SER A 6 5.60 14.38 2.70
N GLY A 7 4.69 14.94 1.92
CA GLY A 7 4.67 16.38 1.73
C GLY A 7 5.49 16.83 0.54
N THR A 8 6.74 16.38 0.49
CA THR A 8 7.64 16.75 -0.60
C THR A 8 7.95 15.53 -1.48
N GLY A 9 7.89 15.73 -2.79
CA GLY A 9 8.18 14.65 -3.71
C GLY A 9 7.28 13.45 -3.49
N GLU A 10 7.16 12.60 -4.50
CA GLU A 10 6.33 11.41 -4.40
C GLU A 10 7.17 10.18 -4.03
N LYS A 11 6.50 9.12 -3.59
CA LYS A 11 7.18 7.90 -3.21
C LYS A 11 7.52 7.05 -4.44
N PRO A 12 8.67 6.36 -4.39
CA PRO A 12 9.13 5.51 -5.49
C PRO A 12 8.28 4.25 -5.63
N TYR A 13 7.90 3.66 -4.51
CA TYR A 13 7.08 2.45 -4.52
C TYR A 13 5.71 2.72 -3.90
N LYS A 14 4.71 2.94 -4.76
CA LYS A 14 3.35 3.20 -4.31
C LYS A 14 2.48 1.96 -4.46
N CYS A 15 1.55 1.78 -3.53
CA CYS A 15 0.65 0.64 -3.57
C CYS A 15 -0.57 0.94 -4.44
N GLU A 16 -1.11 -0.10 -5.07
CA GLU A 16 -2.27 0.04 -5.94
C GLU A 16 -3.52 -0.53 -5.27
N LYS A 17 -3.36 -1.67 -4.60
CA LYS A 17 -4.47 -2.33 -3.92
C LYS A 17 -5.24 -1.34 -3.06
N CYS A 18 -4.51 -0.57 -2.26
CA CYS A 18 -5.12 0.43 -1.38
C CYS A 18 -4.71 1.83 -1.78
N GLY A 19 -3.42 2.02 -2.02
CA GLY A 19 -2.91 3.33 -2.40
C GLY A 19 -1.69 3.75 -1.60
N LYS A 20 -1.66 3.36 -0.33
CA LYS A 20 -0.55 3.70 0.55
C LYS A 20 0.78 3.62 -0.21
N GLY A 21 1.71 4.48 0.16
CA GLY A 21 3.01 4.50 -0.49
C GLY A 21 4.13 4.08 0.44
N TYR A 22 5.32 3.89 -0.11
CA TYR A 22 6.48 3.47 0.68
C TYR A 22 7.78 3.81 -0.04
N ASN A 23 8.72 4.40 0.69
CA ASN A 23 10.01 4.77 0.13
C ASN A 23 11.04 3.68 0.35
N SER A 24 10.62 2.43 0.17
CA SER A 24 11.51 1.29 0.35
C SER A 24 10.85 0.00 -0.11
N LYS A 25 11.55 -0.75 -0.96
CA LYS A 25 11.03 -2.00 -1.49
C LYS A 25 10.63 -2.94 -0.36
N PHE A 26 11.56 -3.19 0.56
CA PHE A 26 11.31 -4.06 1.70
C PHE A 26 10.00 -3.69 2.39
N ASN A 27 9.88 -2.42 2.76
CA ASN A 27 8.68 -1.94 3.44
C ASN A 27 7.42 -2.36 2.68
N LEU A 28 7.35 -1.97 1.41
CA LEU A 28 6.20 -2.31 0.58
C LEU A 28 5.94 -3.81 0.58
N ASP A 29 6.95 -4.59 0.23
CA ASP A 29 6.83 -6.05 0.21
C ASP A 29 5.97 -6.54 1.37
N MET A 30 6.32 -6.12 2.58
CA MET A 30 5.58 -6.52 3.77
C MET A 30 4.14 -5.99 3.72
N HIS A 31 4.01 -4.68 3.68
CA HIS A 31 2.69 -4.05 3.63
C HIS A 31 1.72 -4.89 2.81
N GLN A 32 2.18 -5.36 1.66
CA GLN A 32 1.36 -6.18 0.78
C GLN A 32 0.55 -7.21 1.58
N LYS A 33 1.25 -8.03 2.35
CA LYS A 33 0.60 -9.05 3.16
C LYS A 33 -0.63 -8.49 3.85
N VAL A 34 -0.56 -7.24 4.29
CA VAL A 34 -1.67 -6.58 4.97
C VAL A 34 -2.99 -6.91 4.27
N HIS A 35 -2.97 -6.90 2.95
CA HIS A 35 -4.17 -7.21 2.17
C HIS A 35 -4.41 -8.71 2.08
N THR A 36 -5.29 -9.22 2.94
CA THR A 36 -5.60 -10.64 2.96
C THR A 36 -6.87 -10.91 3.75
N GLY A 37 -7.90 -11.38 3.07
CA GLY A 37 -9.16 -11.68 3.72
C GLY A 37 -9.42 -13.16 3.85
N GLU A 38 -8.75 -13.80 4.81
CA GLU A 38 -8.92 -15.24 5.03
C GLU A 38 -10.40 -15.62 5.08
N ARG A 39 -11.18 -14.83 5.82
CA ARG A 39 -12.61 -15.09 5.94
C ARG A 39 -13.37 -14.57 4.73
N PRO A 40 -14.37 -15.33 4.29
CA PRO A 40 -15.20 -14.98 3.13
C PRO A 40 -16.10 -13.79 3.41
N SER A 41 -15.99 -13.24 4.62
CA SER A 41 -16.81 -12.10 5.01
C SER A 41 -17.03 -11.15 3.84
N GLY A 42 -18.27 -10.72 3.65
CA GLY A 42 -18.60 -9.83 2.56
C GLY A 42 -17.92 -8.48 2.70
N PRO A 43 -17.56 -7.86 1.56
CA PRO A 43 -16.90 -6.56 1.55
C PRO A 43 -17.84 -5.43 1.96
N SER A 44 -17.81 -5.09 3.24
CA SER A 44 -18.66 -4.02 3.77
C SER A 44 -18.17 -2.66 3.29
N SER A 45 -18.77 -2.16 2.21
CA SER A 45 -18.40 -0.87 1.66
C SER A 45 -18.23 0.17 2.76
N GLY A 46 -16.98 0.50 3.08
CA GLY A 46 -16.71 1.47 4.11
C GLY A 46 -15.50 1.10 4.96
ZN ZN B . -1.76 -1.56 -0.02
N GLY A 1 -4.17 3.19 -22.35
CA GLY A 1 -3.00 2.97 -21.51
C GLY A 1 -1.72 3.45 -22.17
N SER A 2 -1.73 4.68 -22.65
CA SER A 2 -0.56 5.25 -23.32
C SER A 2 0.48 5.70 -22.28
N SER A 3 1.66 6.07 -22.77
CA SER A 3 2.74 6.51 -21.89
C SER A 3 2.73 8.03 -21.76
N GLY A 4 3.45 8.53 -20.74
CA GLY A 4 3.51 9.96 -20.52
C GLY A 4 3.31 10.33 -19.06
N SER A 5 4.41 10.48 -18.34
CA SER A 5 4.35 10.84 -16.92
C SER A 5 5.76 11.09 -16.37
N SER A 6 5.82 11.60 -15.15
CA SER A 6 7.09 11.90 -14.50
C SER A 6 6.91 12.06 -12.99
N GLY A 7 7.87 11.55 -12.24
CA GLY A 7 7.80 11.65 -10.79
C GLY A 7 8.62 12.81 -10.25
N THR A 8 7.94 13.84 -9.77
CA THR A 8 8.61 15.02 -9.22
C THR A 8 8.53 15.04 -7.70
N GLY A 9 9.59 14.56 -7.05
CA GLY A 9 9.62 14.54 -5.60
C GLY A 9 8.47 13.76 -5.01
N GLU A 10 8.30 12.52 -5.46
CA GLU A 10 7.23 11.66 -4.97
C GLU A 10 7.75 10.29 -4.61
N LYS A 11 7.09 9.64 -3.65
CA LYS A 11 7.48 8.30 -3.21
C LYS A 11 7.95 7.46 -4.39
N PRO A 12 8.97 6.62 -4.15
CA PRO A 12 9.53 5.74 -5.18
C PRO A 12 8.57 4.62 -5.56
N TYR A 13 8.06 3.92 -4.56
CA TYR A 13 7.13 2.81 -4.79
C TYR A 13 5.69 3.25 -4.53
N LYS A 14 4.76 2.32 -4.72
CA LYS A 14 3.34 2.60 -4.50
C LYS A 14 2.54 1.31 -4.37
N CYS A 15 1.46 1.37 -3.60
CA CYS A 15 0.61 0.21 -3.40
C CYS A 15 -0.65 0.28 -4.27
N GLU A 16 -0.83 -0.72 -5.12
CA GLU A 16 -1.99 -0.76 -6.00
C GLU A 16 -3.08 -1.65 -5.42
N LYS A 17 -3.25 -1.59 -4.10
CA LYS A 17 -4.27 -2.39 -3.43
C LYS A 17 -5.16 -1.51 -2.56
N CYS A 18 -4.55 -0.65 -1.77
CA CYS A 18 -5.29 0.25 -0.89
C CYS A 18 -5.12 1.70 -1.33
N GLY A 19 -3.88 2.11 -1.57
CA GLY A 19 -3.61 3.46 -1.99
C GLY A 19 -2.69 4.21 -1.03
N LYS A 20 -1.54 3.61 -0.74
CA LYS A 20 -0.58 4.22 0.18
C LYS A 20 0.78 4.39 -0.49
N GLY A 21 1.71 5.03 0.21
CA GLY A 21 3.03 5.25 -0.34
C GLY A 21 4.12 4.72 0.57
N TYR A 22 5.25 4.34 -0.03
CA TYR A 22 6.37 3.80 0.74
C TYR A 22 7.70 4.25 0.13
N ASN A 23 8.73 4.32 0.97
CA ASN A 23 10.06 4.73 0.51
C ASN A 23 11.06 3.58 0.64
N SER A 24 10.58 2.36 0.43
CA SER A 24 11.43 1.18 0.52
C SER A 24 10.77 -0.03 -0.15
N LYS A 25 11.55 -0.74 -0.95
CA LYS A 25 11.04 -1.91 -1.65
C LYS A 25 10.66 -3.02 -0.66
N PHE A 26 11.31 -3.02 0.49
CA PHE A 26 11.04 -4.02 1.52
C PHE A 26 9.71 -3.75 2.20
N ASN A 27 9.54 -2.52 2.69
CA ASN A 27 8.31 -2.13 3.36
C ASN A 27 7.10 -2.43 2.50
N LEU A 28 7.17 -2.04 1.23
CA LEU A 28 6.07 -2.27 0.29
C LEU A 28 5.69 -3.74 0.26
N ASP A 29 6.67 -4.61 0.42
CA ASP A 29 6.44 -6.05 0.40
C ASP A 29 5.67 -6.49 1.65
N MET A 30 6.25 -6.20 2.82
CA MET A 30 5.62 -6.56 4.08
C MET A 30 4.20 -5.99 4.18
N HIS A 31 4.00 -4.84 3.55
CA HIS A 31 2.69 -4.19 3.57
C HIS A 31 1.68 -4.98 2.74
N GLN A 32 2.04 -5.26 1.49
CA GLN A 32 1.16 -6.01 0.59
C GLN A 32 0.49 -7.16 1.33
N LYS A 33 1.28 -7.92 2.09
CA LYS A 33 0.77 -9.05 2.85
C LYS A 33 -0.50 -8.67 3.60
N VAL A 34 -0.51 -7.47 4.15
CA VAL A 34 -1.67 -6.98 4.90
C VAL A 34 -2.97 -7.33 4.19
N HIS A 35 -2.99 -7.15 2.87
CA HIS A 35 -4.17 -7.44 2.07
C HIS A 35 -4.24 -8.93 1.75
N THR A 36 -3.94 -9.77 2.74
CA THR A 36 -3.97 -11.22 2.56
C THR A 36 -4.86 -11.89 3.59
N GLY A 37 -4.70 -11.49 4.85
CA GLY A 37 -5.49 -12.05 5.92
C GLY A 37 -5.23 -13.53 6.12
N GLU A 38 -3.96 -13.93 6.01
CA GLU A 38 -3.57 -15.32 6.18
C GLU A 38 -3.20 -15.62 7.63
N ARG A 39 -3.45 -16.85 8.06
CA ARG A 39 -3.14 -17.26 9.42
C ARG A 39 -2.55 -18.67 9.45
N PRO A 40 -1.59 -18.89 10.36
CA PRO A 40 -0.93 -20.18 10.51
C PRO A 40 -1.85 -21.26 11.08
N SER A 41 -1.90 -22.40 10.41
CA SER A 41 -2.76 -23.50 10.84
C SER A 41 -2.51 -23.83 12.31
N GLY A 42 -1.25 -24.02 12.67
CA GLY A 42 -0.90 -24.34 14.04
C GLY A 42 -0.92 -23.11 14.94
N PRO A 43 -0.66 -23.32 16.24
CA PRO A 43 -0.64 -22.25 17.23
C PRO A 43 0.53 -21.29 17.04
N SER A 44 0.23 -20.07 16.63
CA SER A 44 1.27 -19.07 16.41
C SER A 44 0.75 -17.66 16.75
N SER A 45 1.68 -16.73 16.93
CA SER A 45 1.31 -15.36 17.26
C SER A 45 1.19 -14.51 16.00
N GLY A 46 0.03 -13.89 15.80
CA GLY A 46 -0.19 -13.07 14.64
C GLY A 46 -1.06 -11.85 14.94
ZN ZN B . -1.68 -1.48 0.58
N GLY A 1 -15.42 29.91 -5.62
CA GLY A 1 -15.25 28.75 -4.76
C GLY A 1 -14.46 27.64 -5.43
N SER A 2 -13.26 27.38 -4.92
CA SER A 2 -12.41 26.34 -5.48
C SER A 2 -11.19 26.10 -4.58
N SER A 3 -11.17 24.95 -3.92
CA SER A 3 -10.07 24.60 -3.03
C SER A 3 -9.61 23.16 -3.28
N GLY A 4 -8.34 22.90 -2.98
CA GLY A 4 -7.78 21.58 -3.19
C GLY A 4 -6.80 21.19 -2.10
N SER A 5 -5.96 20.20 -2.39
CA SER A 5 -4.97 19.73 -1.44
C SER A 5 -3.62 19.52 -2.11
N SER A 6 -2.59 20.14 -1.57
CA SER A 6 -1.24 20.03 -2.12
C SER A 6 -0.38 19.10 -1.27
N GLY A 7 0.65 18.52 -1.88
CA GLY A 7 1.53 17.62 -1.17
C GLY A 7 1.48 16.20 -1.72
N THR A 8 1.49 16.09 -3.04
CA THR A 8 1.44 14.78 -3.69
C THR A 8 2.42 13.80 -3.05
N GLY A 9 3.66 14.27 -2.88
CA GLY A 9 4.68 13.43 -2.27
C GLY A 9 5.12 12.30 -3.20
N GLU A 10 6.16 12.55 -3.99
CA GLU A 10 6.66 11.55 -4.92
C GLU A 10 7.20 10.33 -4.17
N LYS A 11 7.13 9.17 -4.81
CA LYS A 11 7.59 7.93 -4.20
C LYS A 11 7.82 6.86 -5.27
N PRO A 12 8.90 6.07 -5.10
CA PRO A 12 9.25 5.00 -6.03
C PRO A 12 8.27 3.83 -5.97
N TYR A 13 7.87 3.47 -4.76
CA TYR A 13 6.93 2.37 -4.56
C TYR A 13 5.60 2.88 -4.03
N LYS A 14 4.52 2.58 -4.75
CA LYS A 14 3.18 3.00 -4.35
C LYS A 14 2.22 1.82 -4.33
N CYS A 15 1.54 1.62 -3.21
CA CYS A 15 0.59 0.54 -3.07
C CYS A 15 -0.62 0.75 -3.96
N GLU A 16 -0.68 -0.01 -5.07
CA GLU A 16 -1.78 0.10 -6.00
C GLU A 16 -2.95 -0.78 -5.58
N LYS A 17 -3.06 -1.01 -4.28
CA LYS A 17 -4.14 -1.83 -3.72
C LYS A 17 -5.06 -1.00 -2.83
N CYS A 18 -4.45 -0.24 -1.93
CA CYS A 18 -5.22 0.60 -1.02
C CYS A 18 -5.01 2.08 -1.32
N GLY A 19 -3.74 2.46 -1.56
CA GLY A 19 -3.42 3.83 -1.87
C GLY A 19 -2.46 4.44 -0.88
N LYS A 20 -1.35 3.74 -0.62
CA LYS A 20 -0.34 4.21 0.31
C LYS A 20 0.99 4.42 -0.39
N GLY A 21 1.89 5.14 0.26
CA GLY A 21 3.20 5.40 -0.32
C GLY A 21 4.34 4.95 0.59
N TYR A 22 5.29 4.22 0.02
CA TYR A 22 6.43 3.72 0.79
C TYR A 22 7.71 3.84 -0.01
N ASN A 23 8.66 4.62 0.50
CA ASN A 23 9.93 4.82 -0.17
C ASN A 23 10.89 3.67 0.13
N SER A 24 10.36 2.45 0.09
CA SER A 24 11.17 1.26 0.37
C SER A 24 10.47 0.01 -0.13
N LYS A 25 11.25 -0.89 -0.74
CA LYS A 25 10.71 -2.14 -1.26
C LYS A 25 10.38 -3.11 -0.13
N PHE A 26 11.31 -3.23 0.82
CA PHE A 26 11.11 -4.12 1.96
C PHE A 26 9.88 -3.73 2.75
N ASN A 27 9.72 -2.43 3.00
CA ASN A 27 8.58 -1.93 3.75
C ASN A 27 7.27 -2.29 3.06
N LEU A 28 7.17 -1.98 1.77
CA LEU A 28 5.98 -2.27 0.99
C LEU A 28 5.71 -3.77 0.96
N ASP A 29 6.72 -4.54 0.58
CA ASP A 29 6.59 -6.00 0.50
C ASP A 29 5.93 -6.55 1.77
N MET A 30 6.37 -6.05 2.92
CA MET A 30 5.83 -6.49 4.20
C MET A 30 4.38 -6.05 4.36
N HIS A 31 4.01 -4.99 3.64
CA HIS A 31 2.65 -4.46 3.71
C HIS A 31 1.73 -5.23 2.75
N GLN A 32 2.25 -5.57 1.58
CA GLN A 32 1.48 -6.29 0.58
C GLN A 32 0.75 -7.47 1.22
N LYS A 33 1.49 -8.30 1.95
CA LYS A 33 0.92 -9.47 2.61
C LYS A 33 -0.35 -9.09 3.36
N VAL A 34 -0.38 -7.87 3.90
CA VAL A 34 -1.54 -7.39 4.65
C VAL A 34 -2.83 -7.63 3.86
N HIS A 35 -2.78 -7.34 2.56
CA HIS A 35 -3.95 -7.52 1.70
C HIS A 35 -4.22 -8.99 1.44
N THR A 36 -4.78 -9.66 2.44
CA THR A 36 -5.09 -11.09 2.32
C THR A 36 -6.36 -11.43 3.07
N GLY A 37 -7.26 -12.19 2.42
CA GLY A 37 -8.50 -12.58 3.05
C GLY A 37 -8.81 -14.05 2.85
N GLU A 38 -7.82 -14.90 3.13
CA GLU A 38 -8.00 -16.33 2.98
C GLU A 38 -8.03 -17.02 4.35
N ARG A 39 -8.78 -16.44 5.28
CA ARG A 39 -8.90 -16.99 6.62
C ARG A 39 -10.27 -17.63 6.83
N PRO A 40 -10.29 -18.74 7.59
CA PRO A 40 -11.52 -19.47 7.88
C PRO A 40 -12.45 -18.69 8.82
N SER A 41 -13.76 -18.83 8.60
CA SER A 41 -14.74 -18.14 9.42
C SER A 41 -15.54 -19.13 10.26
N GLY A 42 -14.94 -19.59 11.35
CA GLY A 42 -15.61 -20.54 12.22
C GLY A 42 -16.49 -19.86 13.25
N PRO A 43 -17.51 -20.58 13.72
CA PRO A 43 -18.45 -20.06 14.73
C PRO A 43 -17.80 -19.90 16.10
N SER A 44 -17.98 -18.73 16.71
CA SER A 44 -17.41 -18.46 18.01
C SER A 44 -18.16 -19.21 19.11
N SER A 45 -17.63 -19.16 20.33
CA SER A 45 -18.25 -19.85 21.45
C SER A 45 -19.66 -19.31 21.71
N GLY A 46 -20.58 -20.22 22.00
CA GLY A 46 -21.95 -19.81 22.26
C GLY A 46 -22.66 -20.77 23.20
ZN ZN B . -1.79 -1.46 0.57
N GLY A 1 -7.22 9.47 10.74
CA GLY A 1 -7.64 9.89 9.40
C GLY A 1 -6.48 10.45 8.59
N SER A 2 -6.04 9.69 7.60
CA SER A 2 -4.93 10.12 6.75
C SER A 2 -5.45 10.75 5.46
N SER A 3 -5.72 12.05 5.53
CA SER A 3 -6.22 12.78 4.37
C SER A 3 -5.46 14.08 4.17
N GLY A 4 -4.59 14.11 3.16
CA GLY A 4 -3.81 15.30 2.89
C GLY A 4 -2.72 15.05 1.86
N SER A 5 -2.85 15.67 0.69
CA SER A 5 -1.87 15.52 -0.38
C SER A 5 -0.56 16.22 -0.02
N SER A 6 0.47 15.43 0.26
CA SER A 6 1.77 16.00 0.61
C SER A 6 2.78 15.77 -0.52
N GLY A 7 2.84 16.73 -1.45
CA GLY A 7 3.76 16.61 -2.57
C GLY A 7 5.19 16.90 -2.16
N THR A 8 5.64 16.30 -1.07
CA THR A 8 6.98 16.49 -0.58
C THR A 8 7.84 15.25 -0.81
N GLY A 9 8.58 15.24 -1.91
CA GLY A 9 9.44 14.11 -2.21
C GLY A 9 8.64 12.89 -2.65
N GLU A 10 8.21 12.89 -3.90
CA GLU A 10 7.43 11.77 -4.44
C GLU A 10 8.00 10.43 -3.97
N LYS A 11 7.19 9.39 -4.08
CA LYS A 11 7.60 8.05 -3.67
C LYS A 11 7.94 7.18 -4.87
N PRO A 12 8.98 6.35 -4.74
CA PRO A 12 9.41 5.44 -5.81
C PRO A 12 8.42 4.32 -6.07
N TYR A 13 7.96 3.69 -4.99
CA TYR A 13 7.00 2.59 -5.11
C TYR A 13 5.59 3.07 -4.83
N LYS A 14 4.61 2.24 -5.17
CA LYS A 14 3.21 2.59 -4.96
C LYS A 14 2.36 1.32 -4.80
N CYS A 15 1.18 1.48 -4.20
CA CYS A 15 0.27 0.35 -4.00
C CYS A 15 -1.03 0.57 -4.75
N GLU A 16 -1.72 -0.53 -5.04
CA GLU A 16 -2.99 -0.47 -5.76
C GLU A 16 -4.13 -1.00 -4.90
N LYS A 17 -3.84 -2.03 -4.11
CA LYS A 17 -4.83 -2.64 -3.23
C LYS A 17 -5.47 -1.59 -2.33
N CYS A 18 -4.66 -0.68 -1.81
CA CYS A 18 -5.15 0.37 -0.93
C CYS A 18 -4.75 1.74 -1.46
N GLY A 19 -3.51 1.87 -1.92
CA GLY A 19 -3.03 3.13 -2.46
C GLY A 19 -2.09 3.84 -1.50
N LYS A 20 -1.36 3.07 -0.71
CA LYS A 20 -0.41 3.64 0.26
C LYS A 20 0.98 3.76 -0.35
N GLY A 21 1.76 4.71 0.16
CA GLY A 21 3.10 4.91 -0.34
C GLY A 21 4.16 4.40 0.62
N TYR A 22 5.36 4.16 0.10
CA TYR A 22 6.46 3.67 0.92
C TYR A 22 7.80 4.12 0.34
N ASN A 23 8.73 4.44 1.23
CA ASN A 23 10.06 4.89 0.82
C ASN A 23 10.97 3.69 0.55
N SER A 24 10.90 2.69 1.43
CA SER A 24 11.72 1.50 1.29
C SER A 24 11.02 0.45 0.43
N LYS A 25 11.80 -0.37 -0.24
CA LYS A 25 11.26 -1.43 -1.10
C LYS A 25 10.80 -2.62 -0.27
N PHE A 26 11.52 -2.90 0.81
CA PHE A 26 11.19 -4.02 1.68
C PHE A 26 9.86 -3.77 2.40
N ASN A 27 9.61 -2.50 2.74
CA ASN A 27 8.38 -2.14 3.43
C ASN A 27 7.16 -2.46 2.58
N LEU A 28 7.15 -1.98 1.34
CA LEU A 28 6.05 -2.22 0.43
C LEU A 28 5.71 -3.71 0.36
N ASP A 29 6.71 -4.51 0.01
CA ASP A 29 6.52 -5.96 -0.09
C ASP A 29 5.72 -6.49 1.10
N MET A 30 6.28 -6.32 2.29
CA MET A 30 5.62 -6.78 3.51
C MET A 30 4.22 -6.17 3.64
N HIS A 31 4.13 -4.87 3.37
CA HIS A 31 2.85 -4.17 3.45
C HIS A 31 1.77 -4.90 2.66
N GLN A 32 2.09 -5.28 1.43
CA GLN A 32 1.15 -5.99 0.58
C GLN A 32 0.44 -7.09 1.35
N LYS A 33 1.21 -7.94 2.01
CA LYS A 33 0.65 -9.04 2.79
C LYS A 33 -0.50 -8.55 3.66
N VAL A 34 -0.36 -7.36 4.21
CA VAL A 34 -1.39 -6.78 5.06
C VAL A 34 -2.78 -7.01 4.47
N HIS A 35 -2.90 -6.82 3.16
CA HIS A 35 -4.18 -7.01 2.48
C HIS A 35 -4.51 -8.49 2.35
N THR A 36 -5.17 -9.03 3.38
CA THR A 36 -5.55 -10.44 3.38
C THR A 36 -7.07 -10.60 3.37
N GLY A 37 -7.74 -9.75 2.60
CA GLY A 37 -9.19 -9.81 2.50
C GLY A 37 -9.73 -9.07 1.30
N GLU A 38 -10.19 -9.82 0.29
CA GLU A 38 -10.72 -9.21 -0.92
C GLU A 38 -12.12 -8.65 -0.66
N ARG A 39 -12.46 -7.58 -1.38
CA ARG A 39 -13.76 -6.94 -1.24
C ARG A 39 -14.48 -6.88 -2.58
N PRO A 40 -15.80 -7.13 -2.54
CA PRO A 40 -16.64 -7.11 -3.75
C PRO A 40 -16.81 -5.69 -4.31
N SER A 41 -17.80 -5.53 -5.19
CA SER A 41 -18.06 -4.23 -5.80
C SER A 41 -16.77 -3.45 -6.02
N GLY A 42 -15.75 -4.15 -6.53
CA GLY A 42 -14.47 -3.50 -6.78
C GLY A 42 -14.15 -3.43 -8.26
N PRO A 43 -13.45 -2.36 -8.65
CA PRO A 43 -13.06 -2.13 -10.05
C PRO A 43 -12.01 -3.13 -10.53
N SER A 44 -10.96 -3.31 -9.72
CA SER A 44 -9.89 -4.23 -10.06
C SER A 44 -10.21 -5.65 -9.61
N SER A 45 -9.93 -6.61 -10.48
CA SER A 45 -10.20 -8.02 -10.18
C SER A 45 -8.91 -8.80 -10.05
N GLY A 46 -8.72 -9.44 -8.89
CA GLY A 46 -7.52 -10.23 -8.67
C GLY A 46 -6.52 -9.52 -7.76
ZN ZN B . -1.57 -1.56 0.07
N GLY A 1 -9.43 12.67 -4.11
CA GLY A 1 -9.08 13.75 -5.02
C GLY A 1 -7.60 14.07 -5.01
N SER A 2 -7.27 15.34 -4.84
CA SER A 2 -5.88 15.78 -4.82
C SER A 2 -5.27 15.57 -3.43
N SER A 3 -4.56 14.46 -3.27
CA SER A 3 -3.92 14.14 -1.99
C SER A 3 -2.72 15.03 -1.75
N GLY A 4 -1.80 15.07 -2.72
CA GLY A 4 -0.61 15.88 -2.60
C GLY A 4 -0.90 17.22 -1.96
N SER A 5 -0.26 17.49 -0.82
CA SER A 5 -0.45 18.75 -0.12
C SER A 5 0.46 19.84 -0.68
N SER A 6 -0.12 20.79 -1.39
CA SER A 6 0.65 21.88 -1.98
C SER A 6 1.81 21.34 -2.80
N GLY A 7 1.56 20.28 -3.56
CA GLY A 7 2.60 19.68 -4.38
C GLY A 7 3.76 19.17 -3.55
N THR A 8 3.63 17.96 -3.03
CA THR A 8 4.68 17.35 -2.22
C THR A 8 4.33 15.91 -1.87
N GLY A 9 5.37 15.10 -1.66
CA GLY A 9 5.16 13.70 -1.32
C GLY A 9 5.39 12.78 -2.50
N GLU A 10 6.64 12.70 -2.95
CA GLU A 10 6.99 11.84 -4.07
C GLU A 10 7.64 10.54 -3.60
N LYS A 11 7.06 9.41 -4.00
CA LYS A 11 7.58 8.11 -3.62
C LYS A 11 7.56 7.15 -4.80
N PRO A 12 8.67 6.42 -4.99
CA PRO A 12 8.81 5.45 -6.09
C PRO A 12 7.92 4.23 -5.89
N TYR A 13 7.52 3.99 -4.65
CA TYR A 13 6.67 2.85 -4.33
C TYR A 13 5.27 3.30 -3.94
N LYS A 14 4.27 2.86 -4.71
CA LYS A 14 2.88 3.22 -4.46
C LYS A 14 1.98 1.98 -4.50
N CYS A 15 1.70 1.42 -3.33
CA CYS A 15 0.85 0.24 -3.23
C CYS A 15 -0.42 0.41 -4.07
N GLU A 16 -0.68 -0.56 -4.94
CA GLU A 16 -1.86 -0.52 -5.80
C GLU A 16 -3.06 -1.15 -5.11
N LYS A 17 -2.78 -2.08 -4.19
CA LYS A 17 -3.84 -2.77 -3.46
C LYS A 17 -4.74 -1.77 -2.73
N CYS A 18 -4.13 -0.82 -2.04
CA CYS A 18 -4.87 0.20 -1.31
C CYS A 18 -4.64 1.58 -1.90
N GLY A 19 -3.37 1.94 -2.08
CA GLY A 19 -3.03 3.23 -2.64
C GLY A 19 -2.15 4.06 -1.72
N LYS A 20 -1.19 3.40 -1.08
CA LYS A 20 -0.29 4.07 -0.16
C LYS A 20 1.05 4.36 -0.84
N GLY A 21 1.98 4.94 -0.08
CA GLY A 21 3.29 5.26 -0.62
C GLY A 21 4.41 4.94 0.36
N TYR A 22 5.48 4.36 -0.16
CA TYR A 22 6.63 3.99 0.67
C TYR A 22 7.94 4.44 0.03
N ASN A 23 9.01 4.49 0.83
CA ASN A 23 10.31 4.90 0.34
C ASN A 23 11.13 3.69 -0.09
N SER A 24 11.04 2.61 0.67
CA SER A 24 11.77 1.39 0.37
C SER A 24 10.87 0.36 -0.30
N LYS A 25 11.48 -0.69 -0.84
CA LYS A 25 10.73 -1.75 -1.51
C LYS A 25 10.33 -2.84 -0.53
N PHE A 26 11.22 -3.12 0.43
CA PHE A 26 10.95 -4.15 1.44
C PHE A 26 9.68 -3.83 2.21
N ASN A 27 9.63 -2.64 2.81
CA ASN A 27 8.47 -2.22 3.58
C ASN A 27 7.17 -2.51 2.83
N LEU A 28 7.18 -2.22 1.53
CA LEU A 28 6.00 -2.46 0.69
C LEU A 28 5.68 -3.94 0.60
N ASP A 29 6.66 -4.74 0.17
CA ASP A 29 6.49 -6.18 0.04
C ASP A 29 5.71 -6.73 1.23
N MET A 30 6.22 -6.48 2.44
CA MET A 30 5.58 -6.95 3.65
C MET A 30 4.18 -6.38 3.79
N HIS A 31 4.06 -5.08 3.54
CA HIS A 31 2.77 -4.39 3.64
C HIS A 31 1.70 -5.13 2.85
N GLN A 32 2.02 -5.49 1.62
CA GLN A 32 1.09 -6.21 0.76
C GLN A 32 0.34 -7.28 1.54
N LYS A 33 1.07 -8.00 2.38
CA LYS A 33 0.47 -9.07 3.19
C LYS A 33 -0.75 -8.56 3.92
N VAL A 34 -0.66 -7.35 4.47
CA VAL A 34 -1.76 -6.75 5.20
C VAL A 34 -3.09 -7.00 4.49
N HIS A 35 -3.09 -6.80 3.17
CA HIS A 35 -4.29 -7.00 2.37
C HIS A 35 -4.56 -8.49 2.15
N THR A 36 -5.15 -9.14 3.15
CA THR A 36 -5.46 -10.56 3.07
C THR A 36 -6.72 -10.90 3.86
N GLY A 37 -7.71 -11.45 3.17
CA GLY A 37 -8.96 -11.81 3.83
C GLY A 37 -10.08 -10.84 3.52
N GLU A 38 -10.35 -10.64 2.23
CA GLU A 38 -11.40 -9.74 1.80
C GLU A 38 -12.54 -10.50 1.12
N ARG A 39 -13.77 -10.15 1.49
CA ARG A 39 -14.94 -10.81 0.92
C ARG A 39 -14.73 -11.13 -0.55
N PRO A 40 -15.26 -12.28 -0.99
CA PRO A 40 -15.15 -12.73 -2.39
C PRO A 40 -15.96 -11.88 -3.34
N SER A 41 -16.74 -10.95 -2.79
CA SER A 41 -17.57 -10.06 -3.60
C SER A 41 -16.77 -8.88 -4.11
N GLY A 42 -15.92 -9.12 -5.10
CA GLY A 42 -15.10 -8.06 -5.65
C GLY A 42 -14.84 -8.26 -7.14
N PRO A 43 -15.91 -8.20 -7.94
CA PRO A 43 -15.82 -8.36 -9.40
C PRO A 43 -15.13 -7.19 -10.07
N SER A 44 -14.72 -6.21 -9.27
CA SER A 44 -14.05 -5.02 -9.79
C SER A 44 -15.02 -4.14 -10.56
N SER A 45 -16.17 -3.86 -9.94
CA SER A 45 -17.19 -3.02 -10.56
C SER A 45 -16.97 -1.55 -10.23
N GLY A 46 -16.75 -1.26 -8.95
CA GLY A 46 -16.53 0.10 -8.53
C GLY A 46 -17.75 0.71 -7.88
ZN ZN B . -1.43 -1.55 0.42
N GLY A 1 -6.56 24.45 -10.14
CA GLY A 1 -6.77 23.77 -8.87
C GLY A 1 -5.50 23.20 -8.30
N SER A 2 -5.60 22.61 -7.11
CA SER A 2 -4.44 22.03 -6.45
C SER A 2 -4.70 20.58 -6.06
N SER A 3 -4.45 19.67 -6.99
CA SER A 3 -4.66 18.24 -6.75
C SER A 3 -4.11 17.83 -5.39
N GLY A 4 -2.81 18.02 -5.20
CA GLY A 4 -2.17 17.67 -3.95
C GLY A 4 -0.79 17.09 -4.14
N SER A 5 -0.67 16.07 -4.99
CA SER A 5 0.61 15.43 -5.25
C SER A 5 1.68 16.47 -5.55
N SER A 6 2.87 16.24 -5.02
CA SER A 6 3.99 17.16 -5.22
C SER A 6 4.80 16.77 -6.45
N GLY A 7 5.48 17.75 -7.04
CA GLY A 7 6.28 17.49 -8.22
C GLY A 7 7.65 16.91 -7.88
N THR A 8 8.33 17.55 -6.93
CA THR A 8 9.65 17.09 -6.52
C THR A 8 9.56 15.85 -5.64
N GLY A 9 8.77 15.93 -4.57
CA GLY A 9 8.61 14.81 -3.68
C GLY A 9 7.65 13.77 -4.22
N GLU A 10 8.19 12.64 -4.67
CA GLU A 10 7.37 11.57 -5.22
C GLU A 10 7.92 10.20 -4.79
N LYS A 11 7.05 9.41 -4.16
CA LYS A 11 7.44 8.07 -3.71
C LYS A 11 7.67 7.13 -4.89
N PRO A 12 8.78 6.39 -4.84
CA PRO A 12 9.14 5.44 -5.90
C PRO A 12 8.21 4.23 -5.92
N TYR A 13 7.50 4.02 -4.83
CA TYR A 13 6.57 2.89 -4.73
C TYR A 13 5.17 3.37 -4.37
N LYS A 14 4.16 2.74 -4.97
CA LYS A 14 2.77 3.10 -4.73
C LYS A 14 1.88 1.87 -4.79
N CYS A 15 1.34 1.47 -3.63
CA CYS A 15 0.47 0.32 -3.56
C CYS A 15 -0.83 0.56 -4.33
N GLU A 16 -1.48 -0.53 -4.74
CA GLU A 16 -2.73 -0.44 -5.48
C GLU A 16 -3.91 -0.92 -4.65
N LYS A 17 -3.67 -1.98 -3.87
CA LYS A 17 -4.71 -2.54 -3.02
C LYS A 17 -5.39 -1.45 -2.18
N CYS A 18 -4.58 -0.52 -1.67
CA CYS A 18 -5.09 0.57 -0.85
C CYS A 18 -4.72 1.92 -1.46
N GLY A 19 -3.46 2.05 -1.87
CA GLY A 19 -3.00 3.29 -2.46
C GLY A 19 -2.05 4.04 -1.55
N LYS A 20 -1.21 3.30 -0.84
CA LYS A 20 -0.24 3.91 0.08
C LYS A 20 1.15 3.94 -0.54
N GLY A 21 1.98 4.86 -0.06
CA GLY A 21 3.34 4.97 -0.57
C GLY A 21 4.38 4.52 0.42
N TYR A 22 5.52 4.06 -0.09
CA TYR A 22 6.60 3.58 0.77
C TYR A 22 7.96 3.86 0.14
N ASN A 23 8.86 4.45 0.91
CA ASN A 23 10.19 4.77 0.43
C ASN A 23 11.03 3.50 0.27
N SER A 24 11.02 2.66 1.29
CA SER A 24 11.79 1.41 1.26
C SER A 24 10.95 0.28 0.67
N LYS A 25 11.51 -0.39 -0.33
CA LYS A 25 10.81 -1.50 -0.99
C LYS A 25 10.48 -2.60 0.01
N PHE A 26 11.41 -2.86 0.92
CA PHE A 26 11.20 -3.90 1.94
C PHE A 26 9.90 -3.68 2.68
N ASN A 27 9.65 -2.43 3.06
CA ASN A 27 8.43 -2.08 3.79
C ASN A 27 7.18 -2.41 2.96
N LEU A 28 7.23 -2.07 1.68
CA LEU A 28 6.10 -2.33 0.78
C LEU A 28 5.86 -3.83 0.65
N ASP A 29 6.91 -4.58 0.36
CA ASP A 29 6.82 -6.03 0.20
C ASP A 29 6.00 -6.64 1.35
N MET A 30 6.34 -6.27 2.57
CA MET A 30 5.65 -6.78 3.75
C MET A 30 4.21 -6.27 3.80
N HIS A 31 4.05 -4.97 3.57
CA HIS A 31 2.73 -4.34 3.59
C HIS A 31 1.77 -5.09 2.68
N GLN A 32 2.23 -5.41 1.47
CA GLN A 32 1.40 -6.12 0.51
C GLN A 32 0.60 -7.22 1.18
N LYS A 33 1.29 -8.10 1.90
CA LYS A 33 0.64 -9.20 2.60
C LYS A 33 -0.64 -8.73 3.29
N VAL A 34 -0.55 -7.59 3.98
CA VAL A 34 -1.69 -7.03 4.69
C VAL A 34 -2.99 -7.26 3.91
N HIS A 35 -2.91 -7.09 2.59
CA HIS A 35 -4.07 -7.28 1.73
C HIS A 35 -4.27 -8.75 1.40
N THR A 36 -4.21 -9.60 2.43
CA THR A 36 -4.39 -11.03 2.25
C THR A 36 -5.68 -11.51 2.89
N GLY A 37 -6.74 -10.71 2.74
CA GLY A 37 -8.02 -11.08 3.31
C GLY A 37 -8.98 -11.64 2.26
N GLU A 38 -9.04 -10.98 1.11
CA GLU A 38 -9.91 -11.42 0.02
C GLU A 38 -9.66 -12.89 -0.33
N ARG A 39 -10.70 -13.56 -0.81
CA ARG A 39 -10.59 -14.97 -1.18
C ARG A 39 -9.84 -15.76 -0.11
N PRO A 40 -10.32 -15.67 1.14
CA PRO A 40 -9.71 -16.36 2.28
C PRO A 40 -9.91 -17.87 2.21
N SER A 41 -11.05 -18.29 1.65
CA SER A 41 -11.36 -19.71 1.53
C SER A 41 -10.48 -20.37 0.46
N GLY A 42 -9.53 -21.19 0.92
CA GLY A 42 -8.64 -21.86 0.00
C GLY A 42 -9.00 -23.33 -0.18
N PRO A 43 -8.68 -24.15 0.83
CA PRO A 43 -8.95 -25.59 0.80
C PRO A 43 -10.45 -25.89 0.90
N SER A 44 -11.25 -24.84 1.00
CA SER A 44 -12.70 -24.99 1.11
C SER A 44 -13.40 -24.39 -0.12
N SER A 45 -14.65 -24.78 -0.32
CA SER A 45 -15.43 -24.29 -1.45
C SER A 45 -16.13 -22.99 -1.09
N GLY A 46 -15.41 -22.09 -0.43
CA GLY A 46 -15.97 -20.81 -0.04
C GLY A 46 -17.36 -20.95 0.57
ZN ZN B . -1.67 -1.39 0.23
N GLY A 1 -7.50 23.35 2.83
CA GLY A 1 -6.11 23.72 2.94
C GLY A 1 -5.26 22.63 3.57
N SER A 2 -4.50 21.91 2.75
CA SER A 2 -3.65 20.83 3.24
C SER A 2 -2.69 20.37 2.15
N SER A 3 -1.40 20.32 2.49
CA SER A 3 -0.38 19.90 1.55
C SER A 3 0.97 19.74 2.25
N GLY A 4 1.85 18.95 1.65
CA GLY A 4 3.16 18.73 2.22
C GLY A 4 4.21 18.40 1.17
N SER A 5 5.01 19.38 0.79
CA SER A 5 6.04 19.19 -0.21
C SER A 5 7.19 18.34 0.35
N SER A 6 7.70 18.75 1.51
CA SER A 6 8.80 18.04 2.14
C SER A 6 10.07 18.12 1.29
N GLY A 7 10.33 19.30 0.74
CA GLY A 7 11.50 19.48 -0.09
C GLY A 7 11.42 18.70 -1.39
N THR A 8 12.30 17.71 -1.53
CA THR A 8 12.33 16.89 -2.74
C THR A 8 12.05 15.42 -2.42
N GLY A 9 11.52 14.71 -3.40
CA GLY A 9 11.22 13.30 -3.20
C GLY A 9 9.85 12.91 -3.72
N GLU A 10 9.79 11.81 -4.45
CA GLU A 10 8.52 11.34 -5.00
C GLU A 10 8.31 9.85 -4.70
N LYS A 11 7.36 9.57 -3.81
CA LYS A 11 7.05 8.19 -3.43
C LYS A 11 7.28 7.24 -4.61
N PRO A 12 8.46 6.61 -4.66
CA PRO A 12 8.82 5.67 -5.72
C PRO A 12 8.03 4.38 -5.64
N TYR A 13 7.61 4.02 -4.43
CA TYR A 13 6.85 2.80 -4.21
C TYR A 13 5.39 3.12 -3.88
N LYS A 14 4.50 2.74 -4.80
CA LYS A 14 3.07 2.99 -4.61
C LYS A 14 2.28 1.69 -4.68
N CYS A 15 1.32 1.53 -3.78
CA CYS A 15 0.49 0.33 -3.74
C CYS A 15 -0.84 0.57 -4.45
N GLU A 16 -1.36 -0.49 -5.08
CA GLU A 16 -2.63 -0.39 -5.79
C GLU A 16 -3.75 -1.08 -5.02
N LYS A 17 -3.37 -1.94 -4.08
CA LYS A 17 -4.34 -2.66 -3.26
C LYS A 17 -5.11 -1.70 -2.36
N CYS A 18 -4.41 -0.69 -1.85
CA CYS A 18 -5.04 0.29 -0.97
C CYS A 18 -4.80 1.72 -1.49
N GLY A 19 -3.56 2.00 -1.88
CA GLY A 19 -3.22 3.31 -2.39
C GLY A 19 -2.34 4.10 -1.45
N LYS A 20 -1.37 3.41 -0.86
CA LYS A 20 -0.44 4.05 0.09
C LYS A 20 0.94 4.21 -0.54
N GLY A 21 1.66 5.24 -0.10
CA GLY A 21 2.99 5.48 -0.62
C GLY A 21 4.08 5.01 0.32
N TYR A 22 5.18 4.51 -0.24
CA TYR A 22 6.30 4.02 0.56
C TYR A 22 7.63 4.51 0.00
N ASN A 23 8.65 4.50 0.84
CA ASN A 23 9.99 4.94 0.43
C ASN A 23 10.89 3.74 0.16
N SER A 24 10.80 2.72 1.01
CA SER A 24 11.61 1.53 0.87
C SER A 24 10.81 0.41 0.21
N LYS A 25 11.53 -0.58 -0.33
CA LYS A 25 10.89 -1.71 -1.00
C LYS A 25 10.44 -2.75 0.01
N PHE A 26 11.27 -2.98 1.03
CA PHE A 26 10.95 -3.95 2.07
C PHE A 26 9.58 -3.67 2.68
N ASN A 27 9.30 -2.40 2.95
CA ASN A 27 8.03 -2.00 3.53
C ASN A 27 6.87 -2.33 2.60
N LEU A 28 7.09 -2.11 1.31
CA LEU A 28 6.06 -2.39 0.30
C LEU A 28 5.80 -3.88 0.20
N ASP A 29 6.86 -4.66 0.01
CA ASP A 29 6.75 -6.11 -0.10
C ASP A 29 6.00 -6.69 1.09
N MET A 30 6.45 -6.34 2.29
CA MET A 30 5.82 -6.82 3.52
C MET A 30 4.40 -6.31 3.64
N HIS A 31 4.22 -5.01 3.45
CA HIS A 31 2.90 -4.38 3.53
C HIS A 31 1.87 -5.20 2.77
N GLN A 32 2.18 -5.49 1.51
CA GLN A 32 1.27 -6.26 0.66
C GLN A 32 0.56 -7.35 1.46
N LYS A 33 1.34 -8.26 2.03
CA LYS A 33 0.79 -9.35 2.83
C LYS A 33 -0.44 -8.88 3.61
N VAL A 34 -0.36 -7.69 4.19
CA VAL A 34 -1.46 -7.13 4.96
C VAL A 34 -2.79 -7.42 4.29
N HIS A 35 -2.93 -7.00 3.04
CA HIS A 35 -4.16 -7.21 2.29
C HIS A 35 -4.51 -8.69 2.23
N THR A 36 -5.31 -9.15 3.18
CA THR A 36 -5.72 -10.54 3.24
C THR A 36 -7.23 -10.67 3.44
N GLY A 37 -7.88 -11.42 2.55
CA GLY A 37 -9.31 -11.61 2.65
C GLY A 37 -10.07 -10.30 2.60
N GLU A 38 -9.60 -9.37 1.77
CA GLU A 38 -10.25 -8.08 1.65
C GLU A 38 -10.77 -7.60 2.99
N ARG A 39 -9.90 -7.54 3.99
CA ARG A 39 -10.29 -7.11 5.32
C ARG A 39 -10.68 -5.63 5.32
N PRO A 40 -11.68 -5.28 6.14
CA PRO A 40 -12.15 -3.90 6.25
C PRO A 40 -11.15 -2.99 6.93
N SER A 41 -10.11 -3.58 7.49
CA SER A 41 -9.07 -2.83 8.18
C SER A 41 -8.77 -1.52 7.46
N GLY A 42 -9.08 -0.40 8.11
CA GLY A 42 -8.84 0.89 7.51
C GLY A 42 -8.64 1.98 8.54
N PRO A 43 -7.90 3.03 8.15
CA PRO A 43 -7.61 4.16 9.05
C PRO A 43 -8.84 5.01 9.34
N SER A 44 -9.19 5.10 10.62
CA SER A 44 -10.36 5.88 11.03
C SER A 44 -10.01 6.79 12.20
N SER A 45 -11.02 7.50 12.71
CA SER A 45 -10.82 8.41 13.83
C SER A 45 -9.51 9.18 13.68
N GLY A 46 -9.34 9.81 12.51
CA GLY A 46 -8.13 10.58 12.27
C GLY A 46 -8.40 12.06 12.11
ZN ZN B . -1.61 -1.71 -0.15
N GLY A 1 -2.16 13.38 -2.00
CA GLY A 1 -1.65 14.63 -2.54
C GLY A 1 -0.92 15.45 -1.50
N SER A 2 -0.05 14.79 -0.73
CA SER A 2 0.71 15.47 0.31
C SER A 2 1.99 16.06 -0.25
N SER A 3 2.82 15.21 -0.85
CA SER A 3 4.09 15.64 -1.43
C SER A 3 3.91 16.95 -2.20
N GLY A 4 4.96 17.76 -2.21
CA GLY A 4 4.90 19.02 -2.91
C GLY A 4 5.47 18.94 -4.32
N SER A 5 5.01 19.83 -5.20
CA SER A 5 5.48 19.85 -6.58
C SER A 5 6.98 19.60 -6.66
N SER A 6 7.72 20.34 -5.85
CA SER A 6 9.18 20.21 -5.83
C SER A 6 9.61 19.04 -4.94
N GLY A 7 10.68 18.37 -5.34
CA GLY A 7 11.17 17.24 -4.57
C GLY A 7 12.36 16.56 -5.23
N THR A 8 12.73 15.38 -4.73
CA THR A 8 13.86 14.64 -5.27
C THR A 8 13.38 13.37 -5.96
N GLY A 9 12.78 12.46 -5.20
CA GLY A 9 12.30 11.21 -5.77
C GLY A 9 10.94 10.82 -5.22
N GLU A 10 9.89 11.14 -5.97
CA GLU A 10 8.53 10.82 -5.55
C GLU A 10 8.41 9.35 -5.20
N LYS A 11 7.76 9.07 -4.07
CA LYS A 11 7.57 7.70 -3.62
C LYS A 11 7.43 6.74 -4.80
N PRO A 12 8.54 6.10 -5.18
CA PRO A 12 8.57 5.17 -6.29
C PRO A 12 7.83 3.87 -5.97
N TYR A 13 7.30 3.78 -4.76
CA TYR A 13 6.56 2.60 -4.33
C TYR A 13 5.15 2.96 -3.90
N LYS A 14 4.19 2.68 -4.77
CA LYS A 14 2.78 2.98 -4.47
C LYS A 14 1.96 1.70 -4.44
N CYS A 15 1.44 1.37 -3.26
CA CYS A 15 0.63 0.18 -3.08
C CYS A 15 -0.58 0.19 -4.02
N GLU A 16 -0.62 -0.77 -4.93
CA GLU A 16 -1.71 -0.87 -5.89
C GLU A 16 -2.89 -1.65 -5.30
N LYS A 17 -3.16 -1.41 -4.02
CA LYS A 17 -4.26 -2.09 -3.33
C LYS A 17 -5.09 -1.10 -2.53
N CYS A 18 -4.45 -0.36 -1.63
CA CYS A 18 -5.13 0.62 -0.80
C CYS A 18 -4.78 2.03 -1.25
N GLY A 19 -3.50 2.27 -1.49
CA GLY A 19 -3.05 3.59 -1.92
C GLY A 19 -2.25 4.30 -0.86
N LYS A 20 -1.08 3.75 -0.53
CA LYS A 20 -0.22 4.34 0.49
C LYS A 20 1.23 4.39 0.00
N GLY A 21 2.00 5.32 0.56
CA GLY A 21 3.39 5.46 0.18
C GLY A 21 4.34 5.02 1.28
N TYR A 22 5.42 4.34 0.89
CA TYR A 22 6.40 3.85 1.85
C TYR A 22 7.81 4.31 1.47
N ASN A 23 8.02 4.51 0.17
CA ASN A 23 9.32 4.95 -0.33
C ASN A 23 10.41 3.94 0.02
N SER A 24 10.01 2.68 0.20
CA SER A 24 10.96 1.62 0.53
C SER A 24 10.34 0.25 0.29
N LYS A 25 10.83 -0.44 -0.74
CA LYS A 25 10.33 -1.76 -1.09
C LYS A 25 10.23 -2.65 0.15
N PHE A 26 11.09 -2.40 1.13
CA PHE A 26 11.10 -3.17 2.37
C PHE A 26 9.76 -3.05 3.08
N ASN A 27 9.21 -1.84 3.13
CA ASN A 27 7.93 -1.60 3.78
C ASN A 27 6.78 -2.06 2.90
N LEU A 28 6.84 -1.74 1.62
CA LEU A 28 5.81 -2.13 0.67
C LEU A 28 5.68 -3.64 0.59
N ASP A 29 6.76 -4.31 0.19
CA ASP A 29 6.77 -5.76 0.08
C ASP A 29 5.98 -6.40 1.22
N MET A 30 6.41 -6.13 2.45
CA MET A 30 5.75 -6.68 3.62
C MET A 30 4.28 -6.27 3.66
N HIS A 31 4.02 -4.97 3.46
CA HIS A 31 2.67 -4.45 3.46
C HIS A 31 1.76 -5.27 2.56
N GLN A 32 2.14 -5.38 1.30
CA GLN A 32 1.36 -6.15 0.33
C GLN A 32 0.74 -7.37 0.97
N LYS A 33 1.56 -8.18 1.62
CA LYS A 33 1.09 -9.39 2.29
C LYS A 33 -0.23 -9.13 3.02
N VAL A 34 -0.28 -8.01 3.75
CA VAL A 34 -1.49 -7.64 4.49
C VAL A 34 -2.74 -7.91 3.67
N HIS A 35 -2.85 -7.25 2.53
CA HIS A 35 -4.01 -7.42 1.65
C HIS A 35 -4.14 -8.88 1.21
N THR A 36 -3.00 -9.52 0.93
CA THR A 36 -3.00 -10.90 0.49
C THR A 36 -3.74 -11.80 1.48
N GLY A 37 -3.13 -12.04 2.63
CA GLY A 37 -3.74 -12.88 3.64
C GLY A 37 -4.57 -12.08 4.64
N GLU A 38 -4.95 -12.72 5.73
CA GLU A 38 -5.74 -12.06 6.76
C GLU A 38 -6.80 -11.16 6.13
N ARG A 39 -7.53 -11.70 5.17
CA ARG A 39 -8.58 -10.94 4.48
C ARG A 39 -9.35 -10.06 5.47
N PRO A 40 -9.74 -8.87 5.01
CA PRO A 40 -10.49 -7.91 5.83
C PRO A 40 -11.91 -8.38 6.13
N SER A 41 -12.24 -9.56 5.63
CA SER A 41 -13.58 -10.12 5.84
C SER A 41 -14.63 -9.27 5.15
N GLY A 42 -14.31 -8.78 3.96
CA GLY A 42 -15.24 -7.95 3.22
C GLY A 42 -14.59 -6.70 2.66
N PRO A 43 -13.75 -6.87 1.63
CA PRO A 43 -13.05 -5.75 0.99
C PRO A 43 -13.99 -4.86 0.20
N SER A 44 -14.53 -3.84 0.87
CA SER A 44 -15.45 -2.91 0.22
C SER A 44 -14.80 -2.27 -1.00
N SER A 45 -15.27 -2.68 -2.18
CA SER A 45 -14.74 -2.15 -3.43
C SER A 45 -15.85 -1.55 -4.29
N GLY A 46 -15.59 -0.37 -4.86
CA GLY A 46 -16.58 0.28 -5.69
C GLY A 46 -16.02 1.48 -6.42
ZN ZN B . -1.77 -1.22 0.70
N GLY A 1 -13.33 15.48 3.36
CA GLY A 1 -12.95 15.29 4.74
C GLY A 1 -11.48 14.98 4.91
N SER A 2 -10.62 15.89 4.45
CA SER A 2 -9.18 15.70 4.54
C SER A 2 -8.56 16.71 5.52
N SER A 3 -7.44 16.34 6.12
CA SER A 3 -6.76 17.21 7.06
C SER A 3 -5.50 17.81 6.44
N GLY A 4 -5.61 18.22 5.17
CA GLY A 4 -4.47 18.80 4.48
C GLY A 4 -3.42 17.76 4.12
N SER A 5 -2.70 18.01 3.03
CA SER A 5 -1.66 17.09 2.58
C SER A 5 -0.33 17.39 3.26
N SER A 6 0.01 18.67 3.34
CA SER A 6 1.26 19.10 3.96
C SER A 6 2.46 18.55 3.21
N GLY A 7 2.42 18.66 1.88
CA GLY A 7 3.51 18.16 1.06
C GLY A 7 3.04 17.17 0.02
N THR A 8 3.54 17.34 -1.22
CA THR A 8 3.17 16.45 -2.31
C THR A 8 3.46 14.99 -1.97
N GLY A 9 4.65 14.74 -1.44
CA GLY A 9 5.02 13.39 -1.07
C GLY A 9 5.23 12.50 -2.28
N GLU A 10 6.48 12.45 -2.76
CA GLU A 10 6.81 11.64 -3.93
C GLU A 10 7.54 10.36 -3.51
N LYS A 11 7.09 9.23 -4.02
CA LYS A 11 7.71 7.95 -3.71
C LYS A 11 7.73 7.04 -4.92
N PRO A 12 8.81 6.24 -5.06
CA PRO A 12 8.98 5.32 -6.18
C PRO A 12 8.01 4.14 -6.11
N TYR A 13 7.95 3.50 -4.95
CA TYR A 13 7.06 2.36 -4.75
C TYR A 13 5.70 2.81 -4.23
N LYS A 14 4.65 2.42 -4.92
CA LYS A 14 3.29 2.77 -4.53
C LYS A 14 2.38 1.55 -4.54
N CYS A 15 1.47 1.49 -3.56
CA CYS A 15 0.53 0.37 -3.46
C CYS A 15 -0.74 0.65 -4.24
N GLU A 16 -1.37 -0.42 -4.71
CA GLU A 16 -2.61 -0.29 -5.49
C GLU A 16 -3.80 -0.82 -4.70
N LYS A 17 -3.56 -1.81 -3.86
CA LYS A 17 -4.60 -2.40 -3.05
C LYS A 17 -5.28 -1.36 -2.16
N CYS A 18 -4.47 -0.45 -1.61
CA CYS A 18 -4.97 0.60 -0.74
C CYS A 18 -4.77 1.97 -1.38
N GLY A 19 -3.57 2.20 -1.90
CA GLY A 19 -3.26 3.47 -2.54
C GLY A 19 -2.40 4.36 -1.68
N LYS A 20 -1.28 3.80 -1.19
CA LYS A 20 -0.36 4.54 -0.34
C LYS A 20 1.05 4.52 -0.93
N GLY A 21 1.82 5.56 -0.64
CA GLY A 21 3.18 5.63 -1.14
C GLY A 21 4.19 5.05 -0.16
N TYR A 22 5.31 4.57 -0.69
CA TYR A 22 6.36 3.99 0.13
C TYR A 22 7.73 4.27 -0.45
N ASN A 23 8.70 4.55 0.42
CA ASN A 23 10.07 4.83 0.00
C ASN A 23 10.91 3.56 0.01
N SER A 24 10.67 2.71 0.99
CA SER A 24 11.42 1.46 1.12
C SER A 24 10.78 0.36 0.29
N LYS A 25 11.62 -0.53 -0.27
CA LYS A 25 11.13 -1.62 -1.09
C LYS A 25 10.67 -2.79 -0.22
N PHE A 26 11.55 -3.27 0.65
CA PHE A 26 11.23 -4.38 1.54
C PHE A 26 10.03 -4.04 2.43
N ASN A 27 9.99 -2.80 2.89
CA ASN A 27 8.91 -2.34 3.75
C ASN A 27 7.55 -2.54 3.07
N LEU A 28 7.50 -2.25 1.77
CA LEU A 28 6.27 -2.39 1.01
C LEU A 28 5.84 -3.86 0.95
N ASP A 29 6.69 -4.69 0.37
CA ASP A 29 6.40 -6.12 0.26
C ASP A 29 5.68 -6.62 1.50
N MET A 30 6.26 -6.37 2.67
CA MET A 30 5.66 -6.80 3.93
C MET A 30 4.25 -6.26 4.07
N HIS A 31 4.05 -5.00 3.68
CA HIS A 31 2.74 -4.36 3.77
C HIS A 31 1.73 -5.06 2.86
N GLN A 32 2.19 -5.43 1.66
CA GLN A 32 1.32 -6.10 0.70
C GLN A 32 0.59 -7.26 1.35
N LYS A 33 1.33 -8.10 2.07
CA LYS A 33 0.76 -9.26 2.74
C LYS A 33 -0.53 -8.89 3.46
N VAL A 34 -0.53 -7.74 4.12
CA VAL A 34 -1.70 -7.26 4.84
C VAL A 34 -2.96 -7.38 3.99
N HIS A 35 -2.81 -7.15 2.69
CA HIS A 35 -3.94 -7.23 1.76
C HIS A 35 -4.26 -8.69 1.43
N THR A 36 -3.41 -9.30 0.60
CA THR A 36 -3.61 -10.69 0.21
C THR A 36 -3.87 -11.58 1.41
N GLY A 37 -4.78 -12.52 1.27
CA GLY A 37 -5.10 -13.43 2.35
C GLY A 37 -6.60 -13.64 2.51
N GLU A 38 -7.27 -12.67 3.13
CA GLU A 38 -8.71 -12.76 3.36
C GLU A 38 -9.47 -12.46 2.07
N ARG A 39 -9.90 -13.51 1.38
CA ARG A 39 -10.64 -13.36 0.13
C ARG A 39 -11.50 -12.09 0.16
N PRO A 40 -10.96 -11.00 -0.40
CA PRO A 40 -11.66 -9.71 -0.45
C PRO A 40 -12.85 -9.74 -1.40
N SER A 41 -14.02 -10.07 -0.86
CA SER A 41 -15.25 -10.13 -1.66
C SER A 41 -15.98 -8.80 -1.63
N GLY A 42 -15.26 -7.72 -1.89
CA GLY A 42 -15.85 -6.40 -1.88
C GLY A 42 -15.07 -5.41 -1.05
N PRO A 43 -15.07 -4.14 -1.48
CA PRO A 43 -14.35 -3.06 -0.78
C PRO A 43 -15.00 -2.71 0.55
N SER A 44 -14.19 -2.24 1.50
CA SER A 44 -14.69 -1.88 2.82
C SER A 44 -15.44 -0.54 2.76
N SER A 45 -14.84 0.44 2.08
CA SER A 45 -15.46 1.75 1.95
C SER A 45 -16.43 1.79 0.77
N GLY A 46 -15.96 1.35 -0.39
CA GLY A 46 -16.80 1.33 -1.57
C GLY A 46 -16.17 2.06 -2.74
ZN ZN B . -1.39 -1.42 0.41
N GLY A 1 -4.41 -2.48 -11.79
CA GLY A 1 -4.84 -2.09 -13.12
C GLY A 1 -6.04 -1.16 -13.08
N SER A 2 -5.82 0.08 -12.64
CA SER A 2 -6.89 1.07 -12.55
C SER A 2 -6.38 2.45 -12.98
N SER A 3 -7.31 3.39 -13.11
CA SER A 3 -6.98 4.74 -13.51
C SER A 3 -6.33 5.50 -12.36
N GLY A 4 -7.04 5.58 -11.24
CA GLY A 4 -6.53 6.27 -10.08
C GLY A 4 -6.26 7.74 -10.36
N SER A 5 -5.28 8.31 -9.66
CA SER A 5 -4.94 9.71 -9.84
C SER A 5 -3.60 9.86 -10.56
N SER A 6 -3.31 11.07 -11.01
CA SER A 6 -2.07 11.35 -11.72
C SER A 6 -0.86 10.95 -10.87
N GLY A 7 0.23 10.56 -11.54
CA GLY A 7 1.43 10.17 -10.83
C GLY A 7 2.16 11.36 -10.23
N THR A 8 1.53 12.00 -9.25
CA THR A 8 2.12 13.16 -8.59
C THR A 8 3.04 12.73 -7.46
N GLY A 9 2.56 11.83 -6.62
CA GLY A 9 3.36 11.36 -5.49
C GLY A 9 4.82 11.25 -5.84
N GLU A 10 5.68 11.68 -4.91
CA GLU A 10 7.12 11.63 -5.13
C GLU A 10 7.73 10.43 -4.42
N LYS A 11 7.30 9.24 -4.80
CA LYS A 11 7.80 8.00 -4.21
C LYS A 11 8.06 6.95 -5.28
N PRO A 12 9.15 6.18 -5.12
CA PRO A 12 9.53 5.13 -6.05
C PRO A 12 8.57 3.94 -6.01
N TYR A 13 8.07 3.64 -4.82
CA TYR A 13 7.14 2.52 -4.63
C TYR A 13 5.73 3.03 -4.37
N LYS A 14 4.76 2.12 -4.42
CA LYS A 14 3.37 2.46 -4.18
C LYS A 14 2.51 1.21 -4.06
N CYS A 15 1.26 1.39 -3.62
CA CYS A 15 0.34 0.28 -3.47
C CYS A 15 -0.98 0.56 -4.18
N GLU A 16 -1.47 -0.45 -4.90
CA GLU A 16 -2.73 -0.32 -5.63
C GLU A 16 -3.84 -1.12 -4.97
N LYS A 17 -3.75 -1.27 -3.65
CA LYS A 17 -4.74 -2.01 -2.90
C LYS A 17 -5.47 -1.09 -1.91
N CYS A 18 -4.70 -0.23 -1.25
CA CYS A 18 -5.27 0.70 -0.28
C CYS A 18 -5.11 2.15 -0.75
N GLY A 19 -3.88 2.51 -1.12
CA GLY A 19 -3.62 3.86 -1.58
C GLY A 19 -2.61 4.58 -0.71
N LYS A 20 -1.38 4.07 -0.69
CA LYS A 20 -0.33 4.68 0.12
C LYS A 20 1.01 4.62 -0.61
N GLY A 21 1.91 5.54 -0.26
CA GLY A 21 3.22 5.56 -0.90
C GLY A 21 4.33 5.19 0.05
N TYR A 22 5.24 4.33 -0.41
CA TYR A 22 6.36 3.89 0.42
C TYR A 22 7.69 4.23 -0.24
N ASN A 23 8.70 4.46 0.59
CA ASN A 23 10.03 4.80 0.09
C ASN A 23 10.91 3.56 -0.01
N SER A 24 10.95 2.78 1.07
CA SER A 24 11.76 1.57 1.11
C SER A 24 11.08 0.44 0.32
N LYS A 25 11.85 -0.60 0.03
CA LYS A 25 11.33 -1.75 -0.72
C LYS A 25 10.69 -2.76 0.21
N PHE A 26 11.47 -3.24 1.19
CA PHE A 26 10.97 -4.21 2.16
C PHE A 26 9.57 -3.83 2.65
N ASN A 27 9.45 -2.63 3.18
CA ASN A 27 8.18 -2.14 3.70
C ASN A 27 7.04 -2.52 2.76
N LEU A 28 7.12 -2.06 1.52
CA LEU A 28 6.09 -2.35 0.53
C LEU A 28 5.80 -3.85 0.46
N ASP A 29 6.83 -4.65 0.67
CA ASP A 29 6.69 -6.11 0.65
C ASP A 29 5.91 -6.59 1.87
N MET A 30 6.36 -6.20 3.05
CA MET A 30 5.70 -6.59 4.29
C MET A 30 4.27 -6.06 4.35
N HIS A 31 4.03 -4.96 3.64
CA HIS A 31 2.70 -4.36 3.60
C HIS A 31 1.78 -5.10 2.64
N GLN A 32 2.34 -5.49 1.49
CA GLN A 32 1.57 -6.20 0.47
C GLN A 32 0.84 -7.39 1.09
N LYS A 33 1.59 -8.23 1.81
CA LYS A 33 1.01 -9.40 2.46
C LYS A 33 -0.35 -9.08 3.06
N VAL A 34 -0.50 -7.86 3.56
CA VAL A 34 -1.75 -7.43 4.16
C VAL A 34 -2.93 -7.71 3.25
N HIS A 35 -2.79 -7.32 1.98
CA HIS A 35 -3.85 -7.53 1.00
C HIS A 35 -3.83 -8.96 0.47
N THR A 36 -4.28 -9.91 1.27
CA THR A 36 -4.31 -11.31 0.89
C THR A 36 -5.29 -12.10 1.73
N GLY A 37 -6.06 -12.97 1.09
CA GLY A 37 -7.03 -13.78 1.80
C GLY A 37 -6.41 -14.98 2.47
N GLU A 38 -7.20 -15.67 3.28
CA GLU A 38 -6.71 -16.85 4.00
C GLU A 38 -6.11 -17.86 3.03
N ARG A 39 -6.89 -18.29 2.05
CA ARG A 39 -6.43 -19.25 1.06
C ARG A 39 -4.96 -19.03 0.73
N PRO A 40 -4.19 -20.13 0.69
CA PRO A 40 -2.76 -20.08 0.39
C PRO A 40 -2.48 -19.72 -1.08
N SER A 41 -1.38 -19.01 -1.31
CA SER A 41 -1.01 -18.60 -2.66
C SER A 41 -0.37 -19.77 -3.43
N GLY A 42 -1.21 -20.57 -4.07
CA GLY A 42 -0.71 -21.69 -4.83
C GLY A 42 -0.41 -22.90 -3.96
N PRO A 43 -0.61 -24.11 -4.51
CA PRO A 43 -0.36 -25.35 -3.79
C PRO A 43 1.12 -25.60 -3.54
N SER A 44 1.95 -24.67 -3.98
CA SER A 44 3.40 -24.78 -3.81
C SER A 44 3.74 -25.41 -2.46
N SER A 45 4.55 -26.46 -2.49
CA SER A 45 4.95 -27.15 -1.26
C SER A 45 6.32 -27.78 -1.43
N GLY A 46 7.15 -27.68 -0.39
CA GLY A 46 8.48 -28.25 -0.43
C GLY A 46 8.49 -29.73 -0.08
ZN ZN B . -1.79 -1.45 0.56
N GLY A 1 -7.29 8.01 8.91
CA GLY A 1 -6.52 8.86 8.01
C GLY A 1 -7.02 10.29 7.98
N SER A 2 -6.10 11.24 7.96
CA SER A 2 -6.46 12.65 7.94
C SER A 2 -6.32 13.22 6.53
N SER A 3 -5.51 12.56 5.71
CA SER A 3 -5.28 13.00 4.34
C SER A 3 -4.56 14.34 4.32
N GLY A 4 -3.75 14.59 5.34
CA GLY A 4 -3.01 15.83 5.42
C GLY A 4 -1.55 15.65 5.04
N SER A 5 -1.30 15.30 3.79
CA SER A 5 0.05 15.09 3.30
C SER A 5 0.67 16.41 2.85
N SER A 6 1.92 16.63 3.23
CA SER A 6 2.63 17.85 2.87
C SER A 6 4.10 17.55 2.55
N GLY A 7 4.61 18.22 1.52
CA GLY A 7 5.99 18.03 1.13
C GLY A 7 6.13 17.10 -0.07
N THR A 8 7.12 17.39 -0.92
CA THR A 8 7.35 16.59 -2.12
C THR A 8 7.44 15.10 -1.76
N GLY A 9 6.47 14.33 -2.22
CA GLY A 9 6.46 12.90 -1.95
C GLY A 9 7.29 12.12 -2.95
N GLU A 10 6.84 12.10 -4.20
CA GLU A 10 7.56 11.38 -5.25
C GLU A 10 7.89 9.95 -4.81
N LYS A 11 6.93 9.30 -4.15
CA LYS A 11 7.12 7.94 -3.68
C LYS A 11 7.52 7.01 -4.82
N PRO A 12 8.65 6.30 -4.65
CA PRO A 12 9.16 5.38 -5.65
C PRO A 12 8.29 4.13 -5.78
N TYR A 13 7.48 3.87 -4.76
CA TYR A 13 6.60 2.70 -4.76
C TYR A 13 5.21 3.08 -4.23
N LYS A 14 4.19 2.77 -5.02
CA LYS A 14 2.82 3.06 -4.63
C LYS A 14 1.98 1.78 -4.60
N CYS A 15 1.36 1.53 -3.46
CA CYS A 15 0.52 0.34 -3.30
C CYS A 15 -0.83 0.53 -3.98
N GLU A 16 -0.99 -0.12 -5.14
CA GLU A 16 -2.23 -0.02 -5.91
C GLU A 16 -3.39 -0.64 -5.13
N LYS A 17 -3.10 -1.71 -4.40
CA LYS A 17 -4.12 -2.40 -3.61
C LYS A 17 -4.99 -1.39 -2.86
N CYS A 18 -4.36 -0.58 -2.02
CA CYS A 18 -5.08 0.43 -1.25
C CYS A 18 -4.73 1.84 -1.73
N GLY A 19 -3.43 2.11 -1.86
CA GLY A 19 -2.99 3.42 -2.30
C GLY A 19 -2.08 4.10 -1.30
N LYS A 20 -1.25 3.31 -0.63
CA LYS A 20 -0.33 3.84 0.37
C LYS A 20 1.07 3.98 -0.22
N GLY A 21 1.78 5.02 0.22
CA GLY A 21 3.13 5.25 -0.27
C GLY A 21 4.19 4.64 0.63
N TYR A 22 5.35 4.34 0.05
CA TYR A 22 6.45 3.74 0.80
C TYR A 22 7.79 4.10 0.18
N ASN A 23 8.74 4.52 1.02
CA ASN A 23 10.06 4.89 0.56
C ASN A 23 11.05 3.74 0.75
N SER A 24 10.59 2.52 0.48
CA SER A 24 11.43 1.33 0.63
C SER A 24 10.73 0.10 0.06
N LYS A 25 11.40 -0.59 -0.85
CA LYS A 25 10.85 -1.79 -1.47
C LYS A 25 10.62 -2.88 -0.42
N PHE A 26 11.57 -3.03 0.48
CA PHE A 26 11.47 -4.04 1.53
C PHE A 26 10.22 -3.83 2.37
N ASN A 27 9.98 -2.58 2.76
CA ASN A 27 8.81 -2.25 3.57
C ASN A 27 7.52 -2.59 2.83
N LEU A 28 7.33 -1.98 1.66
CA LEU A 28 6.14 -2.23 0.85
C LEU A 28 5.79 -3.71 0.84
N ASP A 29 6.81 -4.55 0.72
CA ASP A 29 6.62 -6.00 0.69
C ASP A 29 5.78 -6.46 1.88
N MET A 30 6.28 -6.19 3.08
CA MET A 30 5.57 -6.57 4.30
C MET A 30 4.15 -6.02 4.31
N HIS A 31 3.97 -4.87 3.66
CA HIS A 31 2.66 -4.23 3.60
C HIS A 31 1.77 -4.92 2.56
N GLN A 32 2.39 -5.42 1.50
CA GLN A 32 1.66 -6.10 0.44
C GLN A 32 0.94 -7.34 0.97
N LYS A 33 1.54 -7.98 1.97
CA LYS A 33 0.97 -9.17 2.58
C LYS A 33 0.03 -8.80 3.72
N VAL A 34 -0.76 -7.74 3.52
CA VAL A 34 -1.70 -7.28 4.53
C VAL A 34 -3.13 -7.43 4.04
N HIS A 35 -3.38 -7.03 2.80
CA HIS A 35 -4.71 -7.12 2.21
C HIS A 35 -5.08 -8.57 1.93
N THR A 36 -4.27 -9.24 1.13
CA THR A 36 -4.51 -10.63 0.77
C THR A 36 -4.93 -11.44 2.00
N GLY A 37 -4.20 -11.28 3.09
CA GLY A 37 -4.51 -12.00 4.30
C GLY A 37 -3.47 -13.05 4.64
N GLU A 38 -3.93 -14.28 4.90
CA GLU A 38 -3.04 -15.37 5.23
C GLU A 38 -2.76 -16.25 4.01
N ARG A 39 -2.53 -15.60 2.87
CA ARG A 39 -2.26 -16.31 1.62
C ARG A 39 -0.98 -15.79 0.97
N PRO A 40 0.17 -16.28 1.46
CA PRO A 40 1.49 -15.88 0.94
C PRO A 40 1.73 -16.41 -0.47
N SER A 41 2.40 -15.60 -1.29
CA SER A 41 2.70 -15.99 -2.66
C SER A 41 4.09 -16.60 -2.76
N GLY A 42 4.15 -17.93 -2.82
CA GLY A 42 5.42 -18.62 -2.91
C GLY A 42 6.18 -18.27 -4.19
N PRO A 43 7.10 -19.15 -4.59
CA PRO A 43 7.91 -18.96 -5.80
C PRO A 43 7.08 -19.09 -7.08
N SER A 44 6.33 -20.18 -7.17
CA SER A 44 5.49 -20.44 -8.34
C SER A 44 6.16 -19.92 -9.60
N SER A 45 7.47 -20.16 -9.72
CA SER A 45 8.23 -19.72 -10.88
C SER A 45 8.39 -20.84 -11.89
N GLY A 46 7.88 -20.62 -13.10
CA GLY A 46 7.98 -21.64 -14.14
C GLY A 46 9.31 -22.35 -14.11
ZN ZN B . -1.71 -1.47 0.47
N GLY A 1 -3.25 25.48 6.27
CA GLY A 1 -3.75 24.17 5.87
C GLY A 1 -3.15 23.70 4.56
N SER A 2 -2.62 22.49 4.55
CA SER A 2 -2.02 21.92 3.36
C SER A 2 -2.71 20.62 2.95
N SER A 3 -3.76 20.75 2.15
CA SER A 3 -4.51 19.58 1.70
C SER A 3 -4.15 19.22 0.26
N GLY A 4 -4.13 17.93 -0.04
CA GLY A 4 -3.79 17.48 -1.38
C GLY A 4 -2.49 18.06 -1.88
N SER A 5 -2.13 17.72 -3.10
CA SER A 5 -0.89 18.22 -3.70
C SER A 5 0.23 18.25 -2.67
N SER A 6 0.31 17.20 -1.85
CA SER A 6 1.33 17.11 -0.82
C SER A 6 2.59 16.42 -1.36
N GLY A 7 2.39 15.33 -2.10
CA GLY A 7 3.51 14.60 -2.66
C GLY A 7 3.10 13.72 -3.82
N THR A 8 3.07 14.29 -5.02
CA THR A 8 2.68 13.56 -6.21
C THR A 8 3.91 13.02 -6.94
N GLY A 9 3.76 11.86 -7.58
CA GLY A 9 4.86 11.26 -8.30
C GLY A 9 6.20 11.51 -7.64
N GLU A 10 6.27 11.23 -6.34
CA GLU A 10 7.50 11.44 -5.59
C GLU A 10 8.04 10.11 -5.05
N LYS A 11 7.17 9.36 -4.38
CA LYS A 11 7.55 8.07 -3.82
C LYS A 11 7.85 7.06 -4.94
N PRO A 12 8.84 6.20 -4.71
CA PRO A 12 9.24 5.17 -5.67
C PRO A 12 8.20 4.07 -5.80
N TYR A 13 7.78 3.52 -4.68
CA TYR A 13 6.79 2.45 -4.67
C TYR A 13 5.39 3.01 -4.43
N LYS A 14 4.38 2.33 -4.95
CA LYS A 14 2.99 2.75 -4.79
C LYS A 14 2.05 1.55 -4.73
N CYS A 15 1.29 1.45 -3.65
CA CYS A 15 0.35 0.35 -3.48
C CYS A 15 -0.94 0.61 -4.24
N GLU A 16 -1.25 -0.26 -5.20
CA GLU A 16 -2.46 -0.13 -6.00
C GLU A 16 -3.58 -1.00 -5.45
N LYS A 17 -3.72 -1.01 -4.12
CA LYS A 17 -4.74 -1.80 -3.46
C LYS A 17 -5.48 -0.96 -2.43
N CYS A 18 -4.74 -0.20 -1.65
CA CYS A 18 -5.32 0.64 -0.61
C CYS A 18 -5.02 2.11 -0.87
N GLY A 19 -3.76 2.41 -1.21
CA GLY A 19 -3.38 3.78 -1.48
C GLY A 19 -2.40 4.32 -0.45
N LYS A 20 -1.21 3.73 -0.39
CA LYS A 20 -0.19 4.16 0.55
C LYS A 20 1.11 4.50 -0.17
N GLY A 21 2.09 4.98 0.60
CA GLY A 21 3.37 5.34 0.01
C GLY A 21 4.54 4.83 0.83
N TYR A 22 5.51 4.21 0.16
CA TYR A 22 6.69 3.68 0.83
C TYR A 22 7.95 3.95 0.02
N ASN A 23 8.99 4.44 0.70
CA ASN A 23 10.26 4.73 0.04
C ASN A 23 11.11 3.48 -0.12
N SER A 24 11.07 2.62 0.90
CA SER A 24 11.83 1.38 0.89
C SER A 24 10.97 0.21 0.44
N LYS A 25 11.55 -0.66 -0.38
CA LYS A 25 10.83 -1.83 -0.89
C LYS A 25 10.44 -2.76 0.25
N PHE A 26 11.15 -2.65 1.37
CA PHE A 26 10.87 -3.48 2.53
C PHE A 26 9.45 -3.26 3.04
N ASN A 27 9.11 -2.01 3.27
CA ASN A 27 7.78 -1.66 3.76
C ASN A 27 6.70 -2.19 2.83
N LEU A 28 6.91 -1.99 1.53
CA LEU A 28 5.95 -2.44 0.52
C LEU A 28 5.86 -3.96 0.50
N ASP A 29 7.02 -4.62 0.54
CA ASP A 29 7.08 -6.08 0.52
C ASP A 29 6.22 -6.66 1.63
N MET A 30 6.46 -6.23 2.87
CA MET A 30 5.71 -6.72 4.02
C MET A 30 4.25 -6.25 3.94
N HIS A 31 4.05 -4.98 3.66
CA HIS A 31 2.71 -4.41 3.55
C HIS A 31 1.85 -5.24 2.63
N GLN A 32 2.35 -5.50 1.42
CA GLN A 32 1.61 -6.28 0.43
C GLN A 32 0.86 -7.43 1.11
N LYS A 33 1.59 -8.21 1.91
CA LYS A 33 1.00 -9.35 2.61
C LYS A 33 -0.36 -8.98 3.20
N VAL A 34 -0.44 -7.78 3.77
CA VAL A 34 -1.69 -7.31 4.38
C VAL A 34 -2.88 -7.65 3.49
N HIS A 35 -2.74 -7.38 2.19
CA HIS A 35 -3.82 -7.65 1.24
C HIS A 35 -3.76 -9.10 0.76
N THR A 36 -4.69 -9.47 -0.12
CA THR A 36 -4.75 -10.82 -0.66
C THR A 36 -4.21 -11.83 0.36
N GLY A 37 -4.56 -11.64 1.62
CA GLY A 37 -4.12 -12.54 2.67
C GLY A 37 -4.99 -13.77 2.78
N GLU A 38 -6.14 -13.63 3.42
CA GLU A 38 -7.07 -14.74 3.60
C GLU A 38 -6.34 -15.97 4.12
N ARG A 39 -5.46 -15.76 5.10
CA ARG A 39 -4.69 -16.85 5.69
C ARG A 39 -5.63 -17.89 6.31
N PRO A 40 -5.25 -19.17 6.18
CA PRO A 40 -6.03 -20.29 6.72
C PRO A 40 -6.02 -20.33 8.24
N SER A 41 -4.89 -19.98 8.83
CA SER A 41 -4.75 -19.98 10.28
C SER A 41 -6.05 -19.60 10.95
N GLY A 42 -6.42 -18.31 10.84
CA GLY A 42 -7.64 -17.83 11.44
C GLY A 42 -7.39 -17.01 12.69
N PRO A 43 -7.66 -17.61 13.86
CA PRO A 43 -7.46 -16.95 15.15
C PRO A 43 -5.99 -16.73 15.48
N SER A 44 -5.12 -17.39 14.73
CA SER A 44 -3.68 -17.28 14.95
C SER A 44 -3.29 -15.83 15.21
N SER A 45 -3.56 -14.96 14.24
CA SER A 45 -3.23 -13.54 14.37
C SER A 45 -4.23 -12.68 13.60
N GLY A 46 -4.40 -11.45 14.05
CA GLY A 46 -5.33 -10.54 13.40
C GLY A 46 -4.65 -9.31 12.85
ZN ZN B . -1.77 -1.51 0.38
#